data_7QT2
#
_entry.id   7QT2
#
_cell.length_a   153.337
_cell.length_b   153.337
_cell.length_c   45.986
_cell.angle_alpha   90.000
_cell.angle_beta   90.000
_cell.angle_gamma   90.000
#
_symmetry.space_group_name_H-M   'P 41'
#
loop_
_entity.id
_entity.type
_entity.pdbx_description
1 polymer 'Antibody heavy chain'
2 polymer 'Antibody light chain'
3 non-polymer N-phenyl-N-[1-(2-phenylethyl)piperidin-4-yl]propanamide
4 water water
#
loop_
_entity_poly.entity_id
_entity_poly.type
_entity_poly.pdbx_seq_one_letter_code
_entity_poly.pdbx_strand_id
1 'polypeptide(L)'
;QVQLQQPGTDLVKPGASVKLSCKASGYTFTSYWMHWVKQRPGQGLEWIGNIDPNNGGTNQNEKFKNKATLTVDKSSSTAY
MHLSSLTSEDSAVYYCAIEVGYYDYWGQGTTLTVSSAKTTAPSVYPLAPVCGDTTGSSVTLGCLVKGYFPEPVTLTWNSG
SLSSGVHTFPAVLQSDLYTLSSSVTVTSSTWPSQSITCNVAHPASSTKVDKKIEPRGPTIK
;
A,C
2 'polypeptide(L)'
;DIVMTQSQKFMSTSVGDRVSVTCKASQNVGTNVAWYQQKPGQSPKALIYSASYRYSGVPDRFTGSGSGTDFTLTISDVQS
EDLTEYFCEQYNSYPYTFGGGTKLEIKRADAAPTVSIFPPSSEQLTSGGASVVCFLNNFYPKDINVKWKIDGSERQNGVL
NSWTDQDSKDSTYSMSSTLTLTKDEYERHNSYTCEATHKTSTSPIVKSFNRNEC
;
B,D
#
# COMPACT_ATOMS: atom_id res chain seq x y z
N GLN A 1 -4.14 57.76 14.23
CA GLN A 1 -4.74 57.79 12.91
C GLN A 1 -5.99 56.91 12.86
N VAL A 2 -7.11 57.50 12.48
CA VAL A 2 -8.36 56.76 12.42
C VAL A 2 -8.31 55.79 11.25
N GLN A 3 -8.67 54.52 11.49
CA GLN A 3 -8.72 53.53 10.43
C GLN A 3 -9.91 52.62 10.62
N LEU A 4 -10.52 52.23 9.50
CA LEU A 4 -11.63 51.28 9.45
C LEU A 4 -11.22 50.14 8.52
N GLN A 5 -11.12 48.92 9.06
CA GLN A 5 -10.61 47.76 8.31
C GLN A 5 -11.75 46.82 7.96
N GLN A 6 -11.98 46.61 6.66
CA GLN A 6 -12.98 45.72 6.10
C GLN A 6 -12.30 44.63 5.28
N PRO A 7 -12.76 43.39 5.35
CA PRO A 7 -12.25 42.37 4.43
C PRO A 7 -12.60 42.74 3.01
N GLY A 8 -11.69 42.49 2.07
CA GLY A 8 -11.91 42.96 0.71
C GLY A 8 -12.90 42.15 -0.10
N THR A 9 -13.03 40.86 0.18
CA THR A 9 -13.69 39.95 -0.74
C THR A 9 -14.60 39.02 0.04
N ASP A 10 -15.81 38.82 -0.46
CA ASP A 10 -16.69 37.76 0.05
C ASP A 10 -17.54 37.22 -1.07
N LEU A 11 -17.38 35.94 -1.42
CA LEU A 11 -18.26 35.26 -2.37
C LEU A 11 -19.16 34.28 -1.62
N VAL A 12 -20.47 34.38 -1.80
CA VAL A 12 -21.42 33.47 -1.17
C VAL A 12 -22.46 33.02 -2.19
N LYS A 13 -23.13 31.91 -1.86
CA LYS A 13 -24.19 31.32 -2.67
C LYS A 13 -25.49 32.09 -2.47
N PRO A 14 -26.36 32.09 -3.46
CA PRO A 14 -27.67 32.72 -3.27
C PRO A 14 -28.43 32.03 -2.13
N GLY A 15 -29.14 32.82 -1.33
CA GLY A 15 -29.90 32.28 -0.22
C GLY A 15 -29.14 32.18 1.10
N ALA A 16 -27.82 32.30 1.08
CA ALA A 16 -26.99 32.25 2.26
C ALA A 16 -27.09 33.56 3.06
N SER A 17 -26.43 33.57 4.22
CA SER A 17 -26.32 34.74 5.08
C SER A 17 -24.84 35.06 5.23
N VAL A 18 -24.55 36.33 5.40
CA VAL A 18 -23.17 36.75 5.59
C VAL A 18 -23.13 37.78 6.73
N LYS A 19 -22.00 37.82 7.41
CA LYS A 19 -21.73 38.79 8.47
C LYS A 19 -20.50 39.57 8.03
N LEU A 20 -20.70 40.82 7.63
CA LEU A 20 -19.61 41.69 7.19
C LEU A 20 -19.09 42.47 8.38
N SER A 21 -17.78 42.65 8.44
CA SER A 21 -17.17 43.26 9.60
C SER A 21 -16.43 44.54 9.24
N CYS A 22 -16.31 45.41 10.25
CA CYS A 22 -15.60 46.67 10.11
C CYS A 22 -14.89 46.94 11.43
N LYS A 23 -13.56 46.80 11.43
CA LYS A 23 -12.73 46.90 12.62
C LYS A 23 -12.13 48.31 12.74
N ALA A 24 -12.40 48.98 13.86
CA ALA A 24 -11.98 50.36 14.06
C ALA A 24 -10.80 50.48 15.02
N SER A 25 -9.98 51.49 14.77
CA SER A 25 -8.84 51.79 15.63
C SER A 25 -8.51 53.26 15.47
N GLY A 26 -7.79 53.80 16.45
CA GLY A 26 -7.33 55.18 16.40
C GLY A 26 -8.27 56.22 16.95
N TYR A 27 -9.39 55.82 17.55
CA TYR A 27 -10.32 56.75 18.19
C TYR A 27 -11.16 55.96 19.18
N THR A 28 -11.94 56.69 19.99
CA THR A 28 -12.78 56.04 20.99
C THR A 28 -14.02 55.47 20.32
N PHE A 29 -14.04 54.14 20.17
CA PHE A 29 -15.06 53.46 19.38
C PHE A 29 -16.49 53.85 19.77
N THR A 30 -16.78 53.95 21.06
CA THR A 30 -18.14 54.17 21.52
C THR A 30 -18.61 55.62 21.37
N SER A 31 -17.77 56.54 20.90
CA SER A 31 -18.12 57.95 20.89
C SER A 31 -18.70 58.41 19.55
N TYR A 32 -18.74 57.57 18.52
CA TYR A 32 -19.09 58.02 17.18
C TYR A 32 -19.99 57.02 16.49
N TRP A 33 -21.06 57.51 15.87
CA TRP A 33 -21.96 56.68 15.10
C TRP A 33 -21.26 56.11 13.87
N MET A 34 -21.52 54.82 13.61
CA MET A 34 -21.01 54.07 12.47
C MET A 34 -22.07 54.03 11.39
N HIS A 35 -21.70 54.37 10.15
CA HIS A 35 -22.61 54.34 9.01
C HIS A 35 -22.22 53.21 8.06
N TRP A 36 -23.22 52.61 7.40
CA TRP A 36 -22.98 51.62 6.35
C TRP A 36 -23.63 52.08 5.05
N VAL A 37 -22.91 51.92 3.93
CA VAL A 37 -23.33 52.40 2.61
C VAL A 37 -23.17 51.27 1.59
N LYS A 38 -24.16 51.10 0.71
CA LYS A 38 -24.12 50.11 -0.35
C LYS A 38 -23.87 50.78 -1.71
N GLN A 39 -23.02 50.13 -2.51
CA GLN A 39 -22.70 50.64 -3.86
C GLN A 39 -22.68 49.48 -4.85
N ARG A 40 -23.67 49.41 -5.72
CA ARG A 40 -23.77 48.24 -6.63
C ARG A 40 -22.94 48.44 -7.90
N PRO A 41 -22.48 47.34 -8.54
CA PRO A 41 -21.77 47.42 -9.79
C PRO A 41 -22.26 48.55 -10.70
N GLY A 42 -21.41 49.53 -10.96
CA GLY A 42 -21.79 50.64 -11.86
C GLY A 42 -23.04 51.38 -11.43
N GLN A 43 -23.31 51.47 -10.13
CA GLN A 43 -24.45 52.23 -9.66
C GLN A 43 -24.05 53.31 -8.64
N GLY A 44 -25.07 53.93 -8.03
CA GLY A 44 -24.85 54.99 -7.07
C GLY A 44 -24.73 54.44 -5.66
N LEU A 45 -24.84 55.35 -4.73
CA LEU A 45 -24.69 55.05 -3.31
C LEU A 45 -26.07 54.94 -2.69
N GLU A 46 -26.20 54.00 -1.76
CA GLU A 46 -27.37 53.87 -0.90
C GLU A 46 -26.94 53.83 0.55
N TRP A 47 -27.59 54.64 1.38
CA TRP A 47 -27.38 54.58 2.82
C TRP A 47 -28.16 53.40 3.41
N ILE A 48 -27.47 52.52 4.12
CA ILE A 48 -28.13 51.37 4.75
C ILE A 48 -28.61 51.72 6.15
N GLY A 49 -27.78 52.37 6.95
CA GLY A 49 -28.21 52.75 8.29
C GLY A 49 -27.00 53.16 9.10
N ASN A 50 -27.26 53.51 10.36
CA ASN A 50 -26.17 53.81 11.27
C ASN A 50 -26.42 53.17 12.61
N ILE A 51 -25.38 53.13 13.42
CA ILE A 51 -25.49 52.46 14.71
C ILE A 51 -24.66 53.22 15.72
N ASP A 52 -25.20 53.36 16.91
CA ASP A 52 -24.51 54.00 18.03
C ASP A 52 -23.78 52.91 18.77
N PRO A 53 -22.45 52.87 18.76
CA PRO A 53 -21.76 51.75 19.38
C PRO A 53 -21.82 51.79 20.88
N ASN A 54 -22.16 52.93 21.47
CA ASN A 54 -22.27 53.01 22.91
C ASN A 54 -23.43 52.19 23.44
N ASN A 55 -24.54 52.10 22.71
CA ASN A 55 -25.68 51.42 23.27
C ASN A 55 -26.38 50.49 22.29
N GLY A 56 -25.87 50.37 21.06
CA GLY A 56 -26.42 49.54 20.01
C GLY A 56 -27.58 50.13 19.23
N GLY A 57 -28.00 51.36 19.52
CA GLY A 57 -29.18 51.91 18.86
C GLY A 57 -28.91 52.15 17.38
N THR A 58 -29.92 51.86 16.57
CA THR A 58 -29.81 51.88 15.10
C THR A 58 -30.93 52.69 14.45
N ASN A 59 -30.60 53.30 13.32
CA ASN A 59 -31.55 53.81 12.35
C ASN A 59 -31.27 53.12 11.04
N GLN A 60 -32.29 52.53 10.43
CA GLN A 60 -32.07 51.73 9.23
C GLN A 60 -33.00 52.23 8.15
N ASN A 61 -32.49 52.29 6.96
CA ASN A 61 -33.32 52.46 5.79
C ASN A 61 -34.31 51.30 5.71
N GLU A 62 -35.61 51.62 5.66
CA GLU A 62 -36.66 50.60 5.60
C GLU A 62 -36.55 49.71 4.36
N LYS A 63 -35.92 50.21 3.29
CA LYS A 63 -35.64 49.38 2.13
C LYS A 63 -34.93 48.09 2.53
N PHE A 64 -34.10 48.13 3.57
CA PHE A 64 -33.30 46.99 3.98
C PHE A 64 -33.82 46.36 5.27
N LYS A 65 -35.11 46.55 5.59
CA LYS A 65 -35.59 46.19 6.92
C LYS A 65 -35.46 44.69 7.18
N ASN A 66 -35.82 43.87 6.21
CA ASN A 66 -35.75 42.43 6.37
C ASN A 66 -34.50 41.84 5.75
N LYS A 67 -33.53 42.68 5.43
CA LYS A 67 -32.30 42.26 4.81
C LYS A 67 -31.10 42.46 5.74
N ALA A 68 -31.00 43.61 6.40
CA ALA A 68 -29.78 43.93 7.13
C ALA A 68 -30.05 44.12 8.61
N THR A 69 -29.08 43.68 9.41
CA THR A 69 -29.07 43.90 10.86
C THR A 69 -27.72 44.46 11.24
N LEU A 70 -27.71 45.59 11.94
CA LEU A 70 -26.47 46.23 12.35
C LEU A 70 -26.23 45.90 13.81
N THR A 71 -25.01 45.51 14.16
CA THR A 71 -24.64 45.27 15.56
C THR A 71 -23.23 45.77 15.74
N VAL A 72 -22.80 45.85 16.99
CA VAL A 72 -21.43 46.20 17.32
C VAL A 72 -20.93 45.26 18.42
N ASP A 73 -19.62 45.08 18.47
CA ASP A 73 -18.90 44.42 19.57
C ASP A 73 -17.91 45.43 20.15
N LYS A 74 -18.30 46.04 21.28
CA LYS A 74 -17.49 47.04 22.00
C LYS A 74 -16.07 46.56 22.21
N SER A 75 -15.94 45.35 22.76
CA SER A 75 -14.67 44.88 23.29
C SER A 75 -13.65 44.63 22.18
N SER A 76 -14.10 44.40 20.95
CA SER A 76 -13.19 44.24 19.83
C SER A 76 -13.24 45.44 18.89
N SER A 77 -13.98 46.49 19.24
CA SER A 77 -14.13 47.70 18.43
C SER A 77 -14.54 47.35 17.00
N THR A 78 -15.54 46.48 16.87
CA THR A 78 -15.95 46.01 15.54
C THR A 78 -17.45 46.22 15.34
N ALA A 79 -17.79 46.74 14.17
CA ALA A 79 -19.17 46.89 13.74
C ALA A 79 -19.47 45.79 12.74
N TYR A 80 -20.68 45.25 12.78
CA TYR A 80 -21.06 44.17 11.89
C TYR A 80 -22.32 44.55 11.14
N MET A 81 -22.43 44.05 9.92
CA MET A 81 -23.67 44.08 9.19
C MET A 81 -24.03 42.68 8.73
N HIS A 82 -25.13 42.16 9.23
CA HIS A 82 -25.62 40.86 8.84
C HIS A 82 -26.61 41.02 7.71
N LEU A 83 -26.37 40.33 6.60
CA LEU A 83 -27.29 40.30 5.47
C LEU A 83 -27.87 38.90 5.32
N SER A 84 -29.18 38.79 5.22
CA SER A 84 -29.86 37.51 5.13
C SER A 84 -30.45 37.29 3.73
N SER A 85 -30.72 36.02 3.44
CA SER A 85 -31.32 35.51 2.18
C SER A 85 -30.77 36.23 0.97
N LEU A 86 -29.48 36.05 0.73
CA LEU A 86 -28.82 36.88 -0.26
C LEU A 86 -29.29 36.54 -1.67
N THR A 87 -29.39 37.56 -2.52
CA THR A 87 -29.66 37.38 -3.95
C THR A 87 -28.62 38.15 -4.74
N SER A 88 -28.65 38.00 -6.06
CA SER A 88 -27.71 38.75 -6.89
C SER A 88 -27.89 40.25 -6.71
N GLU A 89 -29.11 40.68 -6.35
CA GLU A 89 -29.38 42.10 -6.09
C GLU A 89 -28.58 42.63 -4.92
N ASP A 90 -28.02 41.75 -4.08
CA ASP A 90 -27.20 42.18 -2.97
C ASP A 90 -25.71 42.23 -3.30
N SER A 91 -25.29 41.73 -4.48
CA SER A 91 -23.90 41.89 -4.90
C SER A 91 -23.58 43.38 -5.02
N ALA A 92 -22.51 43.82 -4.36
CA ALA A 92 -22.20 45.25 -4.21
C ALA A 92 -20.91 45.36 -3.40
N VAL A 93 -20.34 46.57 -3.40
CA VAL A 93 -19.34 46.99 -2.41
C VAL A 93 -20.07 47.60 -1.20
N TYR A 94 -19.74 47.12 0.00
CA TYR A 94 -20.32 47.64 1.22
C TYR A 94 -19.26 48.37 2.01
N TYR A 95 -19.56 49.62 2.35
CA TYR A 95 -18.63 50.50 3.04
C TYR A 95 -19.13 50.77 4.45
N CYS A 96 -18.21 50.89 5.40
CA CYS A 96 -18.50 51.48 6.70
C CYS A 96 -17.80 52.83 6.76
N ALA A 97 -18.37 53.78 7.53
CA ALA A 97 -17.82 55.13 7.50
C ALA A 97 -18.10 55.83 8.83
N ILE A 98 -17.19 56.72 9.22
CA ILE A 98 -17.38 57.52 10.43
C ILE A 98 -16.91 58.95 10.15
N GLU A 99 -17.36 59.87 11.00
CA GLU A 99 -16.80 61.22 11.02
C GLU A 99 -16.23 61.47 12.40
N VAL A 100 -14.97 61.85 12.47
CA VAL A 100 -14.32 62.11 13.74
C VAL A 100 -13.71 63.48 13.62
N GLY A 101 -14.13 64.40 14.49
CA GLY A 101 -13.79 65.81 14.30
C GLY A 101 -14.39 66.31 13.01
N TYR A 102 -13.61 67.05 12.22
CA TYR A 102 -14.14 67.47 10.94
C TYR A 102 -13.56 66.67 9.79
N TYR A 103 -13.28 65.38 10.00
CA TYR A 103 -12.74 64.51 8.96
C TYR A 103 -13.66 63.29 8.82
N ASP A 104 -13.89 62.86 7.59
CA ASP A 104 -14.60 61.61 7.32
C ASP A 104 -13.59 60.50 7.09
N TYR A 105 -13.91 59.31 7.56
CA TYR A 105 -13.05 58.14 7.40
C TYR A 105 -13.90 57.01 6.84
N TRP A 106 -13.36 56.24 5.89
CA TRP A 106 -14.07 55.16 5.22
C TRP A 106 -13.28 53.87 5.28
N GLY A 107 -13.96 52.75 5.51
CA GLY A 107 -13.35 51.48 5.19
C GLY A 107 -13.09 51.35 3.69
N GLN A 108 -12.27 50.37 3.33
CA GLN A 108 -11.99 50.26 1.89
C GLN A 108 -13.05 49.45 1.15
N GLY A 109 -14.03 48.92 1.85
CA GLY A 109 -15.19 48.29 1.26
C GLY A 109 -15.02 46.79 1.10
N THR A 110 -16.10 46.05 1.28
CA THR A 110 -16.12 44.61 1.06
C THR A 110 -16.85 44.37 -0.24
N THR A 111 -16.18 43.75 -1.21
CA THR A 111 -16.86 43.40 -2.45
C THR A 111 -17.58 42.08 -2.24
N LEU A 112 -18.89 42.13 -2.08
CA LEU A 112 -19.67 40.93 -1.85
C LEU A 112 -20.27 40.50 -3.18
N THR A 113 -19.99 39.26 -3.57
CA THR A 113 -20.54 38.67 -4.77
C THR A 113 -21.48 37.54 -4.36
N VAL A 114 -22.71 37.58 -4.86
CA VAL A 114 -23.71 36.55 -4.59
C VAL A 114 -23.87 35.80 -5.88
N SER A 115 -23.43 34.55 -5.92
CA SER A 115 -23.40 33.80 -7.17
C SER A 115 -23.29 32.33 -6.85
N SER A 116 -23.83 31.49 -7.71
CA SER A 116 -23.61 30.07 -7.56
C SER A 116 -22.40 29.57 -8.36
N ALA A 117 -21.66 30.46 -9.01
CA ALA A 117 -20.42 30.09 -9.71
C ALA A 117 -19.27 29.99 -8.71
N LYS A 118 -18.25 29.24 -9.09
CA LYS A 118 -17.21 28.84 -8.15
C LYS A 118 -16.01 29.76 -8.25
N THR A 119 -15.34 29.96 -7.11
CA THR A 119 -14.05 30.65 -7.11
C THR A 119 -13.10 30.01 -8.09
N THR A 120 -12.56 30.81 -8.99
CA THR A 120 -11.55 30.33 -9.94
C THR A 120 -10.32 31.22 -9.92
N ALA A 121 -9.16 30.61 -9.74
CA ALA A 121 -7.89 31.32 -9.80
C ALA A 121 -7.55 31.74 -11.24
N PRO A 122 -6.90 32.87 -11.42
CA PRO A 122 -6.55 33.30 -12.78
C PRO A 122 -5.23 32.69 -13.22
N SER A 123 -5.08 32.55 -14.52
CA SER A 123 -3.76 32.38 -15.12
C SER A 123 -3.20 33.78 -15.41
N VAL A 124 -1.91 33.99 -15.10
CA VAL A 124 -1.28 35.31 -15.24
C VAL A 124 -0.12 35.20 -16.21
N TYR A 125 -0.21 35.93 -17.32
CA TYR A 125 0.77 35.79 -18.38
C TYR A 125 1.54 37.08 -18.57
N PRO A 126 2.86 37.03 -18.59
CA PRO A 126 3.65 38.21 -18.94
C PRO A 126 3.60 38.44 -20.44
N LEU A 127 3.52 39.72 -20.86
CA LEU A 127 3.45 40.08 -22.27
C LEU A 127 4.65 40.96 -22.61
N ALA A 128 5.64 40.40 -23.30
CA ALA A 128 6.77 41.19 -23.75
C ALA A 128 6.56 41.65 -25.19
N PRO A 129 7.32 42.64 -25.66
CA PRO A 129 7.13 43.13 -27.03
C PRO A 129 7.39 42.06 -28.07
N VAL A 130 6.91 42.32 -29.29
CA VAL A 130 7.25 41.49 -30.43
C VAL A 130 8.78 41.40 -30.56
N CYS A 131 9.24 40.34 -31.23
CA CYS A 131 10.69 40.19 -31.44
C CYS A 131 11.30 41.35 -32.24
N SER A 137 11.79 54.75 -28.87
CA SER A 137 12.29 55.47 -27.69
C SER A 137 11.63 55.06 -26.37
N SER A 138 10.39 54.53 -26.43
CA SER A 138 9.72 54.02 -25.25
C SER A 138 9.10 52.67 -25.57
N VAL A 139 9.12 51.75 -24.61
CA VAL A 139 8.62 50.39 -24.80
C VAL A 139 7.45 50.16 -23.87
N THR A 140 6.47 49.39 -24.35
CA THR A 140 5.28 49.05 -23.58
C THR A 140 5.28 47.56 -23.29
N LEU A 141 5.04 47.20 -22.02
CA LEU A 141 4.87 45.81 -21.63
C LEU A 141 3.47 45.58 -21.09
N GLY A 142 3.09 44.31 -21.00
CA GLY A 142 1.73 43.99 -20.64
C GLY A 142 1.67 42.85 -19.65
N CYS A 143 0.49 42.71 -19.06
CA CYS A 143 0.23 41.62 -18.15
C CYS A 143 -1.21 41.21 -18.37
N LEU A 144 -1.42 39.93 -18.70
CA LEU A 144 -2.75 39.40 -18.97
C LEU A 144 -3.19 38.52 -17.79
N VAL A 145 -4.34 38.83 -17.21
CA VAL A 145 -4.87 38.13 -16.04
C VAL A 145 -6.16 37.47 -16.51
N LYS A 146 -6.13 36.19 -16.84
CA LYS A 146 -7.22 35.58 -17.61
C LYS A 146 -7.98 34.54 -16.80
N GLY A 147 -9.31 34.64 -16.83
CA GLY A 147 -10.16 33.56 -16.34
C GLY A 147 -10.34 33.43 -14.84
N TYR A 148 -10.75 34.47 -14.15
CA TYR A 148 -10.86 34.41 -12.69
C TYR A 148 -12.27 34.73 -12.23
N PHE A 149 -12.60 34.26 -11.00
CA PHE A 149 -13.89 34.58 -10.40
C PHE A 149 -13.76 34.43 -8.89
N PRO A 150 -14.35 35.31 -8.09
CA PRO A 150 -15.07 36.54 -8.41
C PRO A 150 -14.09 37.73 -8.53
N GLU A 151 -14.64 38.92 -8.79
CA GLU A 151 -13.86 40.14 -8.63
C GLU A 151 -13.64 40.38 -7.14
N PRO A 152 -12.58 41.13 -6.76
CA PRO A 152 -11.58 41.83 -7.55
C PRO A 152 -10.23 41.12 -7.61
N VAL A 153 -9.36 41.56 -8.52
CA VAL A 153 -7.95 41.21 -8.49
C VAL A 153 -7.22 42.50 -8.22
N THR A 154 -6.07 42.41 -7.59
CA THR A 154 -5.19 43.56 -7.48
C THR A 154 -3.95 43.28 -8.33
N LEU A 155 -3.60 44.24 -9.16
CA LEU A 155 -2.42 44.16 -10.01
C LEU A 155 -1.59 45.40 -9.77
N THR A 156 -0.30 45.19 -9.54
CA THR A 156 0.65 46.27 -9.40
C THR A 156 1.85 45.94 -10.27
N TRP A 157 2.75 46.91 -10.39
CA TRP A 157 3.97 46.74 -11.15
C TRP A 157 5.14 47.03 -10.23
N ASN A 158 6.11 46.10 -10.18
CA ASN A 158 7.23 46.17 -9.24
C ASN A 158 6.74 46.49 -7.82
N SER A 159 5.74 45.74 -7.37
CA SER A 159 5.13 45.94 -6.04
C SER A 159 4.73 47.41 -5.81
N GLY A 160 4.20 48.06 -6.84
CA GLY A 160 3.66 49.40 -6.69
C GLY A 160 4.64 50.53 -6.91
N SER A 161 5.94 50.29 -6.72
CA SER A 161 6.94 51.33 -7.00
C SER A 161 6.88 51.83 -8.43
N LEU A 162 6.49 50.98 -9.37
CA LEU A 162 6.28 51.39 -10.76
C LEU A 162 4.80 51.71 -10.93
N SER A 163 4.46 53.00 -10.89
CA SER A 163 3.08 53.43 -10.94
C SER A 163 2.74 54.34 -12.12
N SER A 164 3.66 55.20 -12.54
CA SER A 164 3.41 56.06 -13.70
C SER A 164 3.50 55.26 -15.00
N GLY A 165 2.73 55.70 -15.99
CA GLY A 165 2.72 55.04 -17.29
C GLY A 165 1.94 53.74 -17.32
N VAL A 166 1.15 53.47 -16.28
CA VAL A 166 0.42 52.22 -16.12
C VAL A 166 -1.02 52.45 -16.55
N HIS A 167 -1.58 51.51 -17.28
CA HIS A 167 -3.01 51.48 -17.55
C HIS A 167 -3.53 50.11 -17.19
N THR A 168 -4.42 50.04 -16.21
CA THR A 168 -5.00 48.75 -15.84
C THR A 168 -6.46 48.82 -16.24
N PHE A 169 -6.90 47.87 -17.11
CA PHE A 169 -8.19 48.03 -17.73
C PHE A 169 -9.27 47.30 -16.94
N PRO A 170 -10.51 47.78 -17.01
CA PRO A 170 -11.60 47.11 -16.32
C PRO A 170 -11.77 45.70 -16.86
N ALA A 171 -12.10 44.79 -15.96
CA ALA A 171 -12.29 43.40 -16.34
C ALA A 171 -13.54 43.27 -17.20
N VAL A 172 -13.55 42.25 -18.05
CA VAL A 172 -14.74 41.92 -18.80
C VAL A 172 -15.07 40.47 -18.49
N LEU A 173 -16.35 40.15 -18.59
CA LEU A 173 -16.91 38.85 -18.24
C LEU A 173 -17.13 38.06 -19.52
N GLN A 174 -16.59 36.84 -19.55
CA GLN A 174 -16.75 35.95 -20.71
C GLN A 174 -16.98 34.54 -20.17
N SER A 175 -18.24 34.09 -20.25
CA SER A 175 -18.65 32.74 -19.84
C SER A 175 -18.31 32.50 -18.37
N ASP A 176 -18.86 33.37 -17.53
CA ASP A 176 -18.74 33.32 -16.08
C ASP A 176 -17.31 33.48 -15.57
N LEU A 177 -16.36 33.95 -16.39
CA LEU A 177 -15.02 34.23 -15.87
C LEU A 177 -14.60 35.61 -16.33
N TYR A 178 -13.79 36.28 -15.49
CA TYR A 178 -13.31 37.62 -15.79
C TYR A 178 -11.91 37.57 -16.39
N THR A 179 -11.60 38.56 -17.21
CA THR A 179 -10.26 38.74 -17.73
C THR A 179 -9.93 40.23 -17.69
N LEU A 180 -8.72 40.56 -17.27
CA LEU A 180 -8.25 41.92 -17.45
C LEU A 180 -6.81 41.87 -17.88
N SER A 181 -6.31 43.04 -18.27
CA SER A 181 -4.94 43.20 -18.65
C SER A 181 -4.48 44.57 -18.18
N SER A 182 -3.17 44.73 -18.12
CA SER A 182 -2.57 45.99 -17.68
C SER A 182 -1.38 46.27 -18.57
N SER A 183 -1.16 47.54 -18.91
CA SER A 183 -0.02 47.93 -19.72
C SER A 183 0.84 48.89 -18.91
N VAL A 184 2.12 48.93 -19.23
CA VAL A 184 3.06 49.82 -18.57
C VAL A 184 4.08 50.26 -19.61
N THR A 185 4.37 51.56 -19.64
CA THR A 185 5.25 52.11 -20.67
C THR A 185 6.41 52.77 -19.98
N VAL A 186 7.63 52.38 -20.37
CA VAL A 186 8.86 52.91 -19.80
C VAL A 186 9.78 53.32 -20.95
N THR A 187 10.85 54.03 -20.59
CA THR A 187 11.85 54.42 -21.58
C THR A 187 12.70 53.24 -21.99
N SER A 188 13.07 53.19 -23.27
CA SER A 188 13.80 52.03 -23.81
C SER A 188 15.12 51.79 -23.09
N SER A 189 15.70 52.81 -22.45
CA SER A 189 16.91 52.60 -21.67
C SER A 189 16.64 51.91 -20.34
N THR A 190 15.37 51.88 -19.89
CA THR A 190 15.02 51.30 -18.60
C THR A 190 14.86 49.77 -18.69
N TRP A 191 14.12 49.30 -19.70
CA TRP A 191 13.88 47.88 -19.90
C TRP A 191 14.52 47.43 -21.20
N PRO A 192 15.10 46.21 -21.25
CA PRO A 192 15.10 45.22 -20.19
C PRO A 192 16.29 45.33 -19.25
N SER A 193 17.00 46.46 -19.27
CA SER A 193 18.18 46.58 -18.42
C SER A 193 17.82 46.50 -16.93
N GLN A 194 16.62 46.95 -16.57
CA GLN A 194 16.09 46.84 -15.22
C GLN A 194 14.92 45.88 -15.21
N SER A 195 14.63 45.33 -14.04
CA SER A 195 13.64 44.26 -13.95
C SER A 195 12.25 44.85 -13.71
N ILE A 196 11.27 44.34 -14.44
CA ILE A 196 9.89 44.81 -14.33
C ILE A 196 9.00 43.58 -14.19
N THR A 197 8.09 43.61 -13.22
CA THR A 197 7.35 42.43 -12.81
C THR A 197 5.91 42.84 -12.49
N CYS A 198 4.90 42.17 -13.07
CA CYS A 198 3.54 42.42 -12.59
C CYS A 198 3.23 41.49 -11.42
N ASN A 199 2.66 42.07 -10.37
CA ASN A 199 2.24 41.38 -9.16
C ASN A 199 0.73 41.32 -9.18
N VAL A 200 0.19 40.11 -9.10
CA VAL A 200 -1.24 39.92 -9.26
C VAL A 200 -1.75 39.17 -8.04
N ALA A 201 -2.74 39.74 -7.37
CA ALA A 201 -3.37 39.13 -6.23
C ALA A 201 -4.83 38.90 -6.54
N HIS A 202 -5.29 37.70 -6.24
CA HIS A 202 -6.70 37.32 -6.29
C HIS A 202 -7.03 36.70 -4.94
N PRO A 203 -7.40 37.53 -3.94
CA PRO A 203 -7.59 37.01 -2.58
C PRO A 203 -8.58 35.86 -2.50
N ALA A 204 -9.66 35.91 -3.29
CA ALA A 204 -10.67 34.86 -3.23
C ALA A 204 -10.08 33.47 -3.42
N SER A 205 -9.08 33.32 -4.30
CA SER A 205 -8.49 32.02 -4.56
C SER A 205 -7.16 31.84 -3.85
N SER A 206 -6.85 32.71 -2.89
CA SER A 206 -5.60 32.63 -2.13
C SER A 206 -4.38 32.69 -3.04
N THR A 207 -4.49 33.51 -4.09
CA THR A 207 -3.58 33.56 -5.24
C THR A 207 -2.76 34.85 -5.21
N LYS A 208 -1.44 34.71 -5.24
CA LYS A 208 -0.51 35.83 -5.34
C LYS A 208 0.66 35.37 -6.20
N VAL A 209 0.83 35.98 -7.38
CA VAL A 209 1.88 35.55 -8.30
C VAL A 209 2.59 36.77 -8.84
N ASP A 210 3.87 36.60 -9.16
CA ASP A 210 4.68 37.64 -9.80
C ASP A 210 5.20 37.08 -11.11
N LYS A 211 4.98 37.82 -12.20
CA LYS A 211 5.49 37.44 -13.51
C LYS A 211 6.46 38.51 -13.98
N LYS A 212 7.74 38.18 -13.99
CA LYS A 212 8.74 39.07 -14.57
C LYS A 212 8.60 39.06 -16.08
N ILE A 213 8.70 40.24 -16.69
CA ILE A 213 8.60 40.36 -18.14
C ILE A 213 9.99 40.10 -18.72
N GLU A 214 10.11 39.06 -19.54
CA GLU A 214 11.39 38.75 -20.18
C GLU A 214 11.29 38.91 -21.69
N PRO A 215 12.37 39.33 -22.34
CA PRO A 215 12.35 39.42 -23.81
C PRO A 215 12.22 38.04 -24.45
N ARG A 216 11.44 37.99 -25.53
CA ARG A 216 11.17 36.74 -26.24
C ARG A 216 12.41 36.17 -26.91
N ASP B 1 -39.66 58.75 1.24
CA ASP B 1 -38.24 59.10 1.31
C ASP B 1 -37.96 60.34 0.49
N ILE B 2 -36.95 61.10 0.86
CA ILE B 2 -36.60 62.28 0.09
C ILE B 2 -35.78 61.86 -1.12
N VAL B 3 -36.12 62.40 -2.28
CA VAL B 3 -35.44 62.08 -3.53
C VAL B 3 -34.51 63.23 -3.87
N MET B 4 -33.22 62.93 -4.01
CA MET B 4 -32.22 63.87 -4.48
C MET B 4 -31.92 63.63 -5.95
N THR B 5 -32.12 64.65 -6.79
CA THR B 5 -32.04 64.51 -8.24
C THR B 5 -30.86 65.32 -8.75
N GLN B 6 -29.89 64.63 -9.31
CA GLN B 6 -28.80 65.26 -10.07
C GLN B 6 -29.13 65.01 -11.53
N SER B 7 -29.71 66.02 -12.19
CA SER B 7 -30.32 65.81 -13.50
C SER B 7 -29.27 65.50 -14.58
N GLN B 8 -28.03 65.97 -14.39
CA GLN B 8 -26.97 65.73 -15.36
C GLN B 8 -26.24 64.45 -14.99
N LYS B 9 -26.32 63.44 -15.86
CA LYS B 9 -25.43 62.31 -15.68
C LYS B 9 -23.99 62.69 -16.03
N PHE B 10 -23.82 63.58 -17.01
CA PHE B 10 -22.51 63.94 -17.54
C PHE B 10 -22.46 65.45 -17.71
N MET B 11 -21.26 66.02 -17.58
CA MET B 11 -21.10 67.46 -17.70
C MET B 11 -19.76 67.76 -18.34
N SER B 12 -19.78 68.36 -19.53
CA SER B 12 -18.54 68.66 -20.22
C SER B 12 -18.00 70.02 -19.80
N THR B 13 -16.68 70.10 -19.79
CA THR B 13 -15.96 71.28 -19.33
C THR B 13 -14.55 71.19 -19.91
N SER B 14 -13.81 72.28 -19.78
CA SER B 14 -12.42 72.37 -20.21
C SER B 14 -11.57 72.71 -18.99
N VAL B 15 -10.26 72.43 -19.07
CA VAL B 15 -9.43 72.68 -17.90
C VAL B 15 -9.30 74.18 -17.68
N GLY B 16 -9.30 74.58 -16.40
CA GLY B 16 -9.29 75.98 -16.00
C GLY B 16 -10.65 76.61 -15.96
N ASP B 17 -11.68 75.91 -16.40
CA ASP B 17 -13.01 76.50 -16.40
C ASP B 17 -13.61 76.35 -15.01
N ARG B 18 -14.77 76.96 -14.85
CA ARG B 18 -15.60 76.77 -13.69
C ARG B 18 -16.77 75.91 -14.11
N VAL B 19 -17.14 74.94 -13.29
CA VAL B 19 -18.26 74.07 -13.59
C VAL B 19 -19.11 73.92 -12.33
N SER B 20 -20.42 73.77 -12.52
CA SER B 20 -21.38 73.68 -11.44
C SER B 20 -22.22 72.44 -11.63
N VAL B 21 -22.31 71.61 -10.59
CA VAL B 21 -23.17 70.44 -10.56
C VAL B 21 -24.34 70.75 -9.62
N THR B 22 -25.56 70.51 -10.08
CA THR B 22 -26.74 70.81 -9.27
C THR B 22 -27.41 69.55 -8.75
N CYS B 23 -28.19 69.76 -7.70
CA CYS B 23 -28.93 68.71 -6.99
C CYS B 23 -30.22 69.36 -6.50
N LYS B 24 -31.35 68.71 -6.78
CA LYS B 24 -32.64 69.20 -6.31
C LYS B 24 -33.25 68.17 -5.37
N ALA B 25 -33.58 68.61 -4.15
CA ALA B 25 -34.28 67.76 -3.18
C ALA B 25 -35.78 67.83 -3.40
N SER B 26 -36.44 66.70 -3.17
CA SER B 26 -37.87 66.57 -3.42
C SER B 26 -38.72 67.27 -2.37
N GLN B 27 -38.20 67.50 -1.17
CA GLN B 27 -38.80 68.39 -0.18
C GLN B 27 -37.69 69.11 0.56
N ASN B 28 -38.05 70.02 1.45
CA ASN B 28 -37.06 70.92 2.03
C ASN B 28 -36.10 70.16 2.93
N VAL B 29 -34.79 70.38 2.77
CA VAL B 29 -33.82 69.71 3.62
C VAL B 29 -32.92 70.69 4.37
N GLY B 30 -33.33 71.96 4.46
CA GLY B 30 -32.53 72.96 5.15
C GLY B 30 -31.18 73.14 4.46
N THR B 31 -30.10 73.19 5.24
CA THR B 31 -28.76 73.14 4.63
C THR B 31 -28.05 71.82 4.97
N ASN B 32 -28.83 70.78 5.27
CA ASN B 32 -28.24 69.52 5.72
C ASN B 32 -27.96 68.62 4.51
N VAL B 33 -27.01 69.07 3.70
CA VAL B 33 -26.66 68.42 2.44
C VAL B 33 -25.14 68.28 2.41
N ALA B 34 -24.67 67.15 1.88
CA ALA B 34 -23.26 66.87 1.78
C ALA B 34 -22.93 66.50 0.34
N TRP B 35 -21.69 66.77 -0.08
CA TRP B 35 -21.20 66.41 -1.40
C TRP B 35 -19.99 65.50 -1.25
N TYR B 36 -19.91 64.49 -2.13
CA TYR B 36 -18.86 63.48 -2.11
C TYR B 36 -18.23 63.38 -3.49
N GLN B 37 -16.95 63.02 -3.53
CA GLN B 37 -16.19 62.68 -4.73
C GLN B 37 -15.87 61.19 -4.71
N GLN B 38 -16.03 60.51 -5.84
CA GLN B 38 -15.60 59.12 -5.91
C GLN B 38 -14.75 58.86 -7.15
N LYS B 39 -13.49 58.50 -6.93
CA LYS B 39 -12.58 57.94 -7.92
C LYS B 39 -12.97 56.50 -8.25
N PRO B 40 -12.92 56.12 -9.52
CA PRO B 40 -13.29 54.75 -9.89
C PRO B 40 -12.51 53.74 -9.06
N GLY B 41 -13.24 52.80 -8.46
CA GLY B 41 -12.57 51.78 -7.67
C GLY B 41 -12.07 52.26 -6.31
N GLN B 42 -12.60 53.36 -5.80
CA GLN B 42 -12.19 53.80 -4.48
C GLN B 42 -13.41 54.15 -3.64
N SER B 43 -13.19 54.26 -2.34
N SER B 43 -13.19 54.28 -2.34
CA SER B 43 -14.22 54.72 -1.42
CA SER B 43 -14.25 54.70 -1.45
C SER B 43 -14.56 56.20 -1.66
C SER B 43 -14.56 56.19 -1.63
N PRO B 44 -15.81 56.60 -1.42
CA PRO B 44 -16.15 58.03 -1.50
C PRO B 44 -15.30 58.85 -0.54
N LYS B 45 -15.19 60.11 -0.87
CA LYS B 45 -14.41 61.10 -0.13
C LYS B 45 -15.31 62.32 0.03
N ALA B 46 -15.60 62.70 1.27
CA ALA B 46 -16.53 63.79 1.51
C ALA B 46 -15.88 65.13 1.16
N LEU B 47 -16.60 65.97 0.41
CA LEU B 47 -16.09 67.30 0.06
C LEU B 47 -16.65 68.41 0.93
N ILE B 48 -17.97 68.41 1.07
CA ILE B 48 -18.74 69.50 1.65
C ILE B 48 -19.73 68.91 2.65
N TYR B 49 -19.94 69.61 3.76
CA TYR B 49 -21.04 69.32 4.66
C TYR B 49 -21.82 70.61 4.95
N SER B 50 -23.04 70.45 5.44
CA SER B 50 -23.91 71.61 5.73
C SER B 50 -23.97 72.59 4.53
N ALA B 51 -24.04 72.02 3.33
CA ALA B 51 -24.24 72.70 2.05
C ALA B 51 -23.02 73.48 1.55
N SER B 52 -22.23 74.07 2.45
CA SER B 52 -21.21 75.03 2.01
C SER B 52 -19.88 74.88 2.74
N TYR B 53 -19.78 74.04 3.77
CA TYR B 53 -18.56 73.93 4.57
C TYR B 53 -17.69 72.81 4.01
N ARG B 54 -16.43 73.13 3.69
CA ARG B 54 -15.50 72.10 3.25
C ARG B 54 -15.01 71.27 4.42
N TYR B 55 -14.99 69.96 4.24
CA TYR B 55 -14.22 69.12 5.15
C TYR B 55 -12.77 69.56 5.12
N SER B 56 -12.05 69.30 6.21
CA SER B 56 -10.65 69.72 6.28
C SER B 56 -9.81 68.97 5.24
N GLY B 57 -8.83 69.66 4.67
CA GLY B 57 -7.99 69.12 3.62
C GLY B 57 -8.53 69.21 2.20
N VAL B 58 -9.83 69.46 2.03
CA VAL B 58 -10.42 69.61 0.69
C VAL B 58 -9.92 70.91 0.04
N PRO B 59 -9.49 70.88 -1.22
CA PRO B 59 -9.05 72.12 -1.88
C PRO B 59 -10.14 73.16 -1.92
N ASP B 60 -9.75 74.44 -1.81
CA ASP B 60 -10.76 75.49 -1.85
C ASP B 60 -11.28 75.77 -3.25
N ARG B 61 -10.82 75.05 -4.28
CA ARG B 61 -11.48 75.11 -5.58
C ARG B 61 -12.90 74.57 -5.52
N PHE B 62 -13.22 73.75 -4.51
CA PHE B 62 -14.56 73.20 -4.33
C PHE B 62 -15.37 74.11 -3.42
N THR B 63 -16.54 74.55 -3.88
CA THR B 63 -17.44 75.33 -3.03
C THR B 63 -18.86 74.80 -3.16
N GLY B 64 -19.65 75.00 -2.11
CA GLY B 64 -21.03 74.58 -2.11
C GLY B 64 -21.93 75.75 -1.75
N SER B 65 -23.15 75.70 -2.30
CA SER B 65 -24.15 76.71 -1.97
C SER B 65 -25.53 76.09 -2.06
N GLY B 66 -26.54 76.84 -1.63
CA GLY B 66 -27.93 76.46 -1.70
C GLY B 66 -28.52 76.21 -0.31
N SER B 67 -29.85 76.22 -0.25
CA SER B 67 -30.59 75.89 0.97
C SER B 67 -32.02 75.60 0.58
N GLY B 68 -32.68 74.71 1.32
CA GLY B 68 -34.05 74.39 1.00
C GLY B 68 -34.14 73.21 0.06
N THR B 69 -34.22 73.46 -1.25
CA THR B 69 -34.27 72.36 -2.20
C THR B 69 -33.23 72.40 -3.31
N ASP B 70 -32.52 73.52 -3.55
CA ASP B 70 -31.61 73.61 -4.69
C ASP B 70 -30.18 73.79 -4.23
N PHE B 71 -29.32 72.85 -4.61
CA PHE B 71 -27.96 72.79 -4.09
C PHE B 71 -26.99 72.71 -5.25
N THR B 72 -25.87 73.42 -5.11
CA THR B 72 -24.88 73.51 -6.17
C THR B 72 -23.51 73.22 -5.60
N LEU B 73 -22.78 72.30 -6.25
CA LEU B 73 -21.34 72.15 -6.08
C LEU B 73 -20.65 72.84 -7.24
N THR B 74 -19.79 73.79 -6.95
CA THR B 74 -19.04 74.47 -8.00
C THR B 74 -17.56 74.09 -7.90
N ILE B 75 -16.95 73.80 -9.04
CA ILE B 75 -15.53 73.53 -9.11
C ILE B 75 -14.88 74.62 -9.97
N SER B 76 -13.99 75.40 -9.36
CA SER B 76 -13.26 76.41 -10.06
C SER B 76 -11.91 75.85 -10.52
N ASP B 77 -11.41 76.36 -11.64
CA ASP B 77 -10.09 76.00 -12.15
C ASP B 77 -10.00 74.47 -12.34
N VAL B 78 -10.96 73.92 -13.08
CA VAL B 78 -11.07 72.46 -13.22
C VAL B 78 -9.76 71.89 -13.75
N GLN B 79 -9.36 70.73 -13.20
CA GLN B 79 -8.16 70.04 -13.63
C GLN B 79 -8.44 68.56 -13.84
N SER B 80 -7.54 67.92 -14.60
CA SER B 80 -7.63 66.48 -14.88
C SER B 80 -7.96 65.67 -13.62
N GLU B 81 -7.33 66.00 -12.49
CA GLU B 81 -7.55 65.27 -11.24
C GLU B 81 -9.00 65.32 -10.76
N ASP B 82 -9.82 66.26 -11.25
CA ASP B 82 -11.23 66.31 -10.85
C ASP B 82 -12.13 65.35 -11.62
N LEU B 83 -11.56 64.55 -12.53
CA LEU B 83 -12.31 63.58 -13.33
C LEU B 83 -12.73 62.40 -12.47
N THR B 84 -13.82 62.60 -11.76
CA THR B 84 -14.41 61.63 -10.85
C THR B 84 -15.92 61.73 -10.96
N GLU B 85 -16.62 60.96 -10.13
CA GLU B 85 -18.04 61.11 -9.97
C GLU B 85 -18.34 61.94 -8.73
N TYR B 86 -19.39 62.77 -8.79
CA TYR B 86 -19.79 63.61 -7.67
C TYR B 86 -21.20 63.26 -7.23
N PHE B 87 -21.40 63.14 -5.91
CA PHE B 87 -22.70 62.76 -5.37
C PHE B 87 -23.15 63.81 -4.36
N CYS B 88 -24.42 64.20 -4.44
CA CYS B 88 -25.03 64.92 -3.32
C CYS B 88 -25.78 63.94 -2.40
N GLU B 89 -25.95 64.36 -1.15
CA GLU B 89 -26.67 63.56 -0.16
C GLU B 89 -27.42 64.48 0.78
N GLN B 90 -28.66 64.16 1.10
CA GLN B 90 -29.35 64.84 2.19
C GLN B 90 -29.27 63.98 3.45
N TYR B 91 -28.89 64.61 4.57
CA TYR B 91 -28.92 63.96 5.87
C TYR B 91 -29.80 64.75 6.85
N ASN B 92 -30.87 65.35 6.33
CA ASN B 92 -31.78 66.11 7.16
C ASN B 92 -32.72 65.20 7.94
N SER B 93 -33.15 64.11 7.31
CA SER B 93 -34.09 63.19 7.91
C SER B 93 -33.79 61.80 7.41
N TYR B 94 -34.17 60.79 8.22
CA TYR B 94 -33.96 59.38 7.87
C TYR B 94 -35.05 58.92 6.90
N PRO B 95 -34.70 58.09 5.90
CA PRO B 95 -33.33 57.67 5.66
C PRO B 95 -32.52 58.68 4.84
N TYR B 96 -31.23 58.79 5.14
CA TYR B 96 -30.36 59.60 4.31
C TYR B 96 -30.39 59.05 2.89
N THR B 97 -30.35 59.96 1.91
CA THR B 97 -30.50 59.57 0.51
C THR B 97 -29.49 60.29 -0.37
N PHE B 98 -29.02 59.61 -1.41
CA PHE B 98 -28.04 60.18 -2.30
C PHE B 98 -28.68 60.55 -3.63
N GLY B 99 -28.10 61.57 -4.28
CA GLY B 99 -28.33 61.79 -5.70
C GLY B 99 -27.67 60.73 -6.55
N GLY B 100 -28.10 60.64 -7.81
CA GLY B 100 -27.58 59.60 -8.70
C GLY B 100 -26.17 59.83 -9.23
N GLY B 101 -25.52 60.93 -8.87
CA GLY B 101 -24.16 61.11 -9.31
C GLY B 101 -24.00 61.80 -10.66
N THR B 102 -22.95 62.60 -10.78
CA THR B 102 -22.67 63.33 -12.01
C THR B 102 -21.22 63.05 -12.36
N LYS B 103 -20.97 62.60 -13.59
CA LYS B 103 -19.61 62.40 -14.08
C LYS B 103 -19.11 63.64 -14.79
N LEU B 104 -17.89 64.05 -14.46
CA LEU B 104 -17.25 65.15 -15.16
C LEU B 104 -16.60 64.62 -16.44
N GLU B 105 -16.40 65.53 -17.40
CA GLU B 105 -15.81 65.16 -18.67
C GLU B 105 -15.06 66.36 -19.23
N ILE B 106 -13.82 66.16 -19.67
CA ILE B 106 -12.92 67.25 -20.01
C ILE B 106 -12.65 67.26 -21.51
N LYS B 107 -12.80 68.43 -22.12
CA LYS B 107 -12.42 68.68 -23.50
C LYS B 107 -10.96 69.11 -23.52
N ARG B 108 -10.11 68.37 -24.24
CA ARG B 108 -8.71 68.73 -24.38
C ARG B 108 -8.28 68.57 -25.83
N ALA B 109 -6.99 68.73 -26.12
CA ALA B 109 -6.53 68.67 -27.50
C ALA B 109 -6.49 67.23 -27.99
N ASP B 110 -6.61 67.07 -29.30
CA ASP B 110 -6.58 65.73 -29.88
C ASP B 110 -5.21 65.07 -29.64
N ALA B 111 -5.22 63.74 -29.50
CA ALA B 111 -3.96 63.02 -29.35
C ALA B 111 -4.08 61.63 -29.98
N ALA B 112 -3.06 61.25 -30.76
CA ALA B 112 -3.09 59.96 -31.43
C ALA B 112 -2.80 58.83 -30.42
N PRO B 113 -3.43 57.67 -30.60
CA PRO B 113 -3.11 56.53 -29.74
C PRO B 113 -1.69 56.00 -29.97
N THR B 114 -1.06 55.56 -28.88
CA THR B 114 0.14 54.72 -28.95
C THR B 114 -0.32 53.26 -28.93
N VAL B 115 0.06 52.50 -29.98
CA VAL B 115 -0.49 51.17 -30.25
C VAL B 115 0.60 50.13 -30.12
N SER B 116 0.32 49.07 -29.36
CA SER B 116 1.28 48.02 -29.06
C SER B 116 0.57 46.69 -29.21
N ILE B 117 1.18 45.72 -29.91
CA ILE B 117 0.57 44.41 -30.09
C ILE B 117 1.43 43.33 -29.42
N PHE B 118 0.75 42.34 -28.85
CA PHE B 118 1.43 41.32 -28.04
C PHE B 118 1.00 39.93 -28.47
N PRO B 119 1.92 39.11 -28.95
CA PRO B 119 1.61 37.73 -29.26
C PRO B 119 1.29 36.96 -27.98
N PRO B 120 0.69 35.79 -28.09
CA PRO B 120 0.53 34.92 -26.90
C PRO B 120 1.88 34.70 -26.24
N SER B 121 1.85 34.66 -24.90
CA SER B 121 3.06 34.34 -24.18
C SER B 121 3.36 32.85 -24.33
N SER B 122 4.63 32.49 -24.17
CA SER B 122 4.98 31.08 -24.24
C SER B 122 4.26 30.28 -23.14
N GLU B 123 4.06 30.89 -21.96
CA GLU B 123 3.39 30.15 -20.88
C GLU B 123 1.95 29.85 -21.28
N GLN B 124 1.26 30.81 -21.91
CA GLN B 124 -0.11 30.56 -22.31
C GLN B 124 -0.19 29.47 -23.36
N LEU B 125 0.75 29.46 -24.32
CA LEU B 125 0.74 28.42 -25.34
C LEU B 125 0.88 27.02 -24.73
N THR B 126 1.71 26.87 -23.69
CA THR B 126 1.83 25.57 -23.02
C THR B 126 0.49 25.05 -22.48
N SER B 127 -0.37 25.96 -21.99
CA SER B 127 -1.66 25.58 -21.40
C SER B 127 -2.77 25.37 -22.43
N GLY B 128 -2.54 25.68 -23.71
CA GLY B 128 -3.52 25.40 -24.75
C GLY B 128 -4.37 26.58 -25.19
N GLY B 129 -4.19 27.77 -24.60
CA GLY B 129 -4.84 28.97 -25.07
C GLY B 129 -3.91 29.79 -25.96
N ALA B 130 -4.49 30.81 -26.61
CA ALA B 130 -3.71 31.78 -27.36
C ALA B 130 -4.48 33.10 -27.35
N SER B 131 -4.02 34.07 -26.59
CA SER B 131 -4.64 35.39 -26.60
C SER B 131 -3.69 36.38 -27.25
N VAL B 132 -4.18 37.16 -28.21
CA VAL B 132 -3.41 38.27 -28.78
C VAL B 132 -3.99 39.56 -28.22
N VAL B 133 -3.14 40.40 -27.65
CA VAL B 133 -3.57 41.59 -26.90
C VAL B 133 -3.05 42.82 -27.62
N CYS B 134 -3.92 43.83 -27.78
CA CYS B 134 -3.55 45.10 -28.38
C CYS B 134 -3.92 46.23 -27.43
N PHE B 135 -2.94 47.09 -27.09
CA PHE B 135 -3.21 48.28 -26.28
C PHE B 135 -3.23 49.52 -27.16
N LEU B 136 -4.22 50.37 -26.97
CA LEU B 136 -4.29 51.66 -27.66
C LEU B 136 -4.41 52.73 -26.58
N ASN B 137 -3.29 53.41 -26.28
CA ASN B 137 -3.17 54.20 -25.05
C ASN B 137 -3.05 55.70 -25.33
N ASN B 138 -3.67 56.47 -24.45
CA ASN B 138 -3.50 57.93 -24.32
C ASN B 138 -3.94 58.66 -25.57
N PHE B 139 -5.17 58.39 -25.98
CA PHE B 139 -5.72 59.08 -27.14
C PHE B 139 -6.90 59.96 -26.73
N TYR B 140 -7.23 60.87 -27.61
CA TYR B 140 -8.35 61.79 -27.45
C TYR B 140 -8.73 62.32 -28.83
N PRO B 141 -10.02 62.37 -29.18
CA PRO B 141 -11.21 62.04 -28.39
C PRO B 141 -11.48 60.55 -28.26
N LYS B 142 -12.56 60.23 -27.52
CA LYS B 142 -12.90 58.85 -27.17
C LYS B 142 -13.17 57.96 -28.38
N ASP B 143 -13.68 58.53 -29.47
CA ASP B 143 -14.10 57.72 -30.62
C ASP B 143 -12.89 57.06 -31.27
N ILE B 144 -12.92 55.74 -31.41
CA ILE B 144 -11.80 55.06 -32.08
C ILE B 144 -12.34 53.75 -32.63
N ASN B 145 -11.89 53.38 -33.84
CA ASN B 145 -12.29 52.14 -34.51
C ASN B 145 -11.10 51.17 -34.48
N VAL B 146 -11.27 50.00 -33.85
CA VAL B 146 -10.23 48.97 -33.78
C VAL B 146 -10.64 47.78 -34.63
N LYS B 147 -9.72 47.29 -35.44
CA LYS B 147 -9.96 46.20 -36.36
C LYS B 147 -8.85 45.17 -36.24
N TRP B 148 -9.23 43.89 -36.21
CA TRP B 148 -8.29 42.78 -36.21
C TRP B 148 -8.29 42.08 -37.57
N LYS B 149 -7.11 41.69 -38.05
CA LYS B 149 -7.00 40.83 -39.23
C LYS B 149 -6.10 39.65 -38.92
N ILE B 150 -6.47 38.49 -39.43
CA ILE B 150 -5.61 37.32 -39.38
C ILE B 150 -5.39 36.81 -40.79
N ASP B 151 -4.13 36.60 -41.15
CA ASP B 151 -3.78 36.22 -42.52
C ASP B 151 -4.48 37.14 -43.54
N GLY B 152 -4.52 38.43 -43.23
CA GLY B 152 -5.10 39.41 -44.16
C GLY B 152 -6.62 39.42 -44.23
N SER B 153 -7.31 38.70 -43.34
CA SER B 153 -8.77 38.63 -43.34
C SER B 153 -9.31 39.17 -42.02
N GLU B 154 -10.33 40.03 -42.11
CA GLU B 154 -10.89 40.64 -40.91
C GLU B 154 -11.46 39.57 -39.96
N ARG B 155 -11.17 39.75 -38.69
CA ARG B 155 -11.61 38.86 -37.64
C ARG B 155 -12.42 39.68 -36.62
N GLN B 156 -13.67 39.28 -36.39
CA GLN B 156 -14.54 39.84 -35.35
C GLN B 156 -14.86 38.86 -34.22
N ASN B 157 -15.11 37.59 -34.53
CA ASN B 157 -15.39 36.61 -33.48
C ASN B 157 -14.21 36.50 -32.50
N GLY B 158 -14.54 36.58 -31.21
CA GLY B 158 -13.59 36.37 -30.13
C GLY B 158 -12.80 37.58 -29.69
N VAL B 159 -13.22 38.78 -30.10
CA VAL B 159 -12.56 40.03 -29.71
C VAL B 159 -13.32 40.63 -28.55
N LEU B 160 -12.60 41.07 -27.52
CA LEU B 160 -13.21 41.74 -26.37
C LEU B 160 -12.43 43.01 -26.09
N ASN B 161 -13.14 44.12 -25.90
CA ASN B 161 -12.54 45.43 -25.73
C ASN B 161 -12.88 45.99 -24.35
N SER B 162 -11.95 46.71 -23.75
CA SER B 162 -12.16 47.31 -22.45
C SER B 162 -11.57 48.73 -22.46
N TRP B 163 -12.29 49.68 -21.90
CA TRP B 163 -11.90 51.08 -21.94
C TRP B 163 -11.62 51.58 -20.54
N THR B 164 -10.55 52.36 -20.38
CA THR B 164 -10.39 53.05 -19.12
C THR B 164 -11.34 54.25 -19.06
N ASP B 165 -11.57 54.75 -17.85
CA ASP B 165 -12.21 56.05 -17.72
C ASP B 165 -11.25 57.15 -18.19
N GLN B 166 -11.78 58.36 -18.40
CA GLN B 166 -10.89 59.45 -18.79
C GLN B 166 -9.84 59.67 -17.72
N ASP B 167 -8.58 59.76 -18.15
CA ASP B 167 -7.41 59.68 -17.27
C ASP B 167 -7.26 60.92 -16.38
N SER B 168 -7.07 60.70 -15.07
CA SER B 168 -6.99 61.81 -14.13
C SER B 168 -5.68 62.56 -14.21
N LYS B 169 -4.69 62.06 -14.96
CA LYS B 169 -3.44 62.78 -15.15
C LYS B 169 -3.47 63.67 -16.40
N ASP B 170 -4.01 63.18 -17.51
CA ASP B 170 -3.89 63.94 -18.76
C ASP B 170 -5.18 63.97 -19.57
N SER B 171 -6.31 63.54 -19.01
CA SER B 171 -7.61 63.58 -19.67
C SER B 171 -7.65 62.76 -20.96
N THR B 172 -6.75 61.80 -21.15
CA THR B 172 -6.88 60.95 -22.33
C THR B 172 -7.67 59.68 -21.99
N TYR B 173 -7.97 58.91 -23.05
CA TYR B 173 -8.54 57.58 -22.95
C TYR B 173 -7.53 56.53 -23.37
N SER B 174 -7.72 55.32 -22.86
CA SER B 174 -6.97 54.17 -23.33
C SER B 174 -7.89 52.98 -23.47
N MET B 175 -7.43 52.00 -24.23
CA MET B 175 -8.26 50.87 -24.59
C MET B 175 -7.39 49.62 -24.79
N SER B 176 -7.89 48.48 -24.34
N SER B 176 -7.92 48.47 -24.40
CA SER B 176 -7.31 47.20 -24.65
CA SER B 176 -7.30 47.16 -24.58
C SER B 176 -8.27 46.45 -25.56
C SER B 176 -8.23 46.28 -25.40
N SER B 177 -7.69 45.65 -26.46
CA SER B 177 -8.47 44.80 -27.35
C SER B 177 -7.80 43.43 -27.35
N THR B 178 -8.56 42.40 -27.03
CA THR B 178 -8.05 41.05 -26.85
C THR B 178 -8.75 40.11 -27.82
N LEU B 179 -7.96 39.46 -28.67
CA LEU B 179 -8.41 38.40 -29.54
C LEU B 179 -8.03 37.08 -28.88
N THR B 180 -9.04 36.29 -28.52
CA THR B 180 -8.85 35.02 -27.86
C THR B 180 -9.12 33.90 -28.86
N LEU B 181 -8.09 33.09 -29.12
CA LEU B 181 -8.15 31.94 -30.01
C LEU B 181 -7.82 30.67 -29.24
N THR B 182 -8.21 29.52 -29.81
CA THR B 182 -7.58 28.26 -29.44
C THR B 182 -6.13 28.22 -29.91
N LYS B 183 -5.32 27.39 -29.24
CA LYS B 183 -3.96 27.18 -29.72
C LYS B 183 -3.98 26.65 -31.15
N ASP B 184 -4.79 25.62 -31.45
CA ASP B 184 -4.91 25.19 -32.84
C ASP B 184 -5.24 26.34 -33.80
N GLU B 185 -6.18 27.23 -33.44
CA GLU B 185 -6.47 28.30 -34.39
C GLU B 185 -5.25 29.19 -34.57
N TYR B 186 -4.56 29.51 -33.48
CA TYR B 186 -3.39 30.38 -33.54
C TYR B 186 -2.28 29.79 -34.41
N GLU B 187 -1.99 28.50 -34.23
CA GLU B 187 -0.92 27.86 -34.97
C GLU B 187 -1.28 27.60 -36.43
N ARG B 188 -2.53 27.81 -36.82
CA ARG B 188 -3.02 27.58 -38.17
C ARG B 188 -2.87 28.81 -39.10
N HIS B 189 -2.40 29.93 -38.57
CA HIS B 189 -2.24 31.20 -39.30
C HIS B 189 -0.88 31.80 -38.96
N ASN B 190 -0.48 32.78 -39.78
CA ASN B 190 0.83 33.38 -39.59
C ASN B 190 0.79 34.85 -39.20
N SER B 191 0.02 35.67 -39.90
CA SER B 191 0.05 37.11 -39.64
C SER B 191 -1.13 37.55 -38.80
N TYR B 192 -0.85 38.39 -37.79
CA TYR B 192 -1.81 38.93 -36.84
C TYR B 192 -1.66 40.43 -36.78
N THR B 193 -2.77 41.15 -36.98
CA THR B 193 -2.75 42.60 -37.14
C THR B 193 -3.86 43.23 -36.30
N CYS B 194 -3.47 44.24 -35.52
CA CYS B 194 -4.35 45.17 -34.81
C CYS B 194 -4.26 46.52 -35.52
N GLU B 195 -5.41 47.07 -35.91
CA GLU B 195 -5.34 48.31 -36.66
C GLU B 195 -6.41 49.27 -36.16
N ALA B 196 -6.07 50.56 -36.15
CA ALA B 196 -6.91 51.53 -35.48
C ALA B 196 -7.07 52.76 -36.36
N THR B 197 -8.32 53.24 -36.50
CA THR B 197 -8.57 54.54 -37.12
C THR B 197 -9.12 55.50 -36.06
N HIS B 198 -8.71 56.76 -36.16
CA HIS B 198 -8.91 57.78 -35.15
C HIS B 198 -8.76 59.11 -35.87
N LYS B 199 -9.48 60.12 -35.39
CA LYS B 199 -9.55 61.33 -36.19
C LYS B 199 -8.22 62.07 -36.26
N THR B 200 -7.22 61.72 -35.44
CA THR B 200 -5.89 62.34 -35.53
C THR B 200 -5.11 62.00 -36.82
N SER B 201 -5.50 60.97 -37.59
CA SER B 201 -4.76 60.63 -38.81
C SER B 201 -5.68 60.28 -39.99
N THR B 202 -5.17 60.49 -41.21
CA THR B 202 -5.87 60.06 -42.42
C THR B 202 -5.61 58.60 -42.77
N SER B 203 -4.72 57.91 -42.06
CA SER B 203 -4.44 56.51 -42.31
C SER B 203 -4.44 55.72 -41.01
N PRO B 204 -4.89 54.46 -41.06
CA PRO B 204 -4.87 53.60 -39.86
C PRO B 204 -3.47 53.50 -39.26
N ILE B 205 -3.43 53.36 -37.95
CA ILE B 205 -2.26 52.87 -37.23
C ILE B 205 -2.30 51.34 -37.23
N VAL B 206 -1.24 50.73 -37.75
CA VAL B 206 -1.20 49.31 -38.01
C VAL B 206 -0.04 48.72 -37.22
N LYS B 207 -0.33 47.75 -36.36
CA LYS B 207 0.69 46.98 -35.65
C LYS B 207 0.47 45.50 -35.97
N SER B 208 1.55 44.81 -36.32
CA SER B 208 1.44 43.48 -36.87
C SER B 208 2.59 42.61 -36.41
N PHE B 209 2.37 41.30 -36.38
CA PHE B 209 3.49 40.38 -36.24
C PHE B 209 3.19 39.08 -36.98
N ASN B 210 4.24 38.29 -37.18
CA ASN B 210 4.14 36.93 -37.75
C ASN B 210 4.45 35.91 -36.67
N ARG B 211 3.58 34.90 -36.55
CA ARG B 211 3.76 33.89 -35.51
C ARG B 211 5.17 33.28 -35.59
N ASN B 212 5.66 33.00 -36.80
CA ASN B 212 6.96 32.32 -36.91
C ASN B 212 8.16 33.26 -36.83
N GLU B 213 8.08 34.32 -36.03
CA GLU B 213 9.28 35.11 -35.71
C GLU B 213 9.56 35.09 -34.20
N GLN C 1 24.93 -42.18 35.91
CA GLN C 1 25.06 -43.50 36.50
C GLN C 1 23.70 -44.18 36.61
N VAL C 2 22.59 -43.45 36.44
CA VAL C 2 21.29 -44.12 36.37
C VAL C 2 21.28 -44.98 35.11
N GLN C 3 20.87 -46.23 35.25
CA GLN C 3 20.83 -47.17 34.13
C GLN C 3 19.63 -48.09 34.30
N LEU C 4 18.98 -48.41 33.19
CA LEU C 4 17.95 -49.45 33.15
C LEU C 4 18.43 -50.55 32.20
N GLN C 5 18.53 -51.79 32.70
CA GLN C 5 19.09 -52.87 31.91
C GLN C 5 18.00 -53.85 31.54
N GLN C 6 17.75 -54.00 30.24
CA GLN C 6 16.75 -54.90 29.69
C GLN C 6 17.47 -55.89 28.77
N PRO C 7 17.06 -57.15 28.75
CA PRO C 7 17.67 -58.07 27.79
C PRO C 7 17.35 -57.66 26.36
N GLY C 8 18.28 -57.95 25.43
CA GLY C 8 18.14 -57.42 24.08
C GLY C 8 17.01 -58.07 23.32
N THR C 9 16.94 -59.41 23.37
CA THR C 9 15.91 -60.13 22.61
C THR C 9 15.36 -61.28 23.41
N ASP C 10 14.06 -61.54 23.23
CA ASP C 10 13.42 -62.76 23.71
C ASP C 10 12.67 -63.38 22.54
N LEU C 11 12.81 -64.69 22.39
CA LEU C 11 12.05 -65.50 21.43
C LEU C 11 11.18 -66.48 22.21
N VAL C 12 9.87 -66.43 21.99
CA VAL C 12 8.90 -67.21 22.77
C VAL C 12 7.86 -67.78 21.83
N LYS C 13 7.43 -68.99 22.08
CA LYS C 13 6.44 -69.58 21.19
C LYS C 13 5.03 -69.03 21.46
N PRO C 14 4.18 -69.03 20.43
CA PRO C 14 2.81 -68.55 20.63
C PRO C 14 2.08 -69.36 21.68
N GLY C 15 1.21 -68.68 22.41
CA GLY C 15 0.42 -69.32 23.44
C GLY C 15 1.08 -69.36 24.79
N ALA C 16 2.40 -69.19 24.86
CA ALA C 16 3.11 -69.17 26.13
C ALA C 16 3.08 -67.76 26.73
N SER C 17 3.72 -67.58 27.88
CA SER C 17 3.82 -66.30 28.57
C SER C 17 5.28 -65.90 28.64
N VAL C 18 5.54 -64.60 28.81
CA VAL C 18 6.90 -64.12 28.97
C VAL C 18 6.94 -63.11 30.11
N LYS C 19 8.06 -63.06 30.81
CA LYS C 19 8.27 -62.04 31.83
C LYS C 19 9.47 -61.19 31.42
N LEU C 20 9.21 -59.98 30.97
CA LEU C 20 10.27 -59.07 30.55
C LEU C 20 10.82 -58.35 31.77
N SER C 21 12.14 -58.18 31.80
CA SER C 21 12.77 -57.63 32.99
C SER C 21 13.45 -56.30 32.69
N CYS C 22 13.49 -55.45 33.71
CA CYS C 22 14.11 -54.14 33.61
C CYS C 22 14.81 -53.88 34.93
N LYS C 23 16.12 -54.05 34.92
CA LYS C 23 16.94 -53.99 36.12
C LYS C 23 17.51 -52.58 36.30
N ALA C 24 17.19 -51.97 37.45
CA ALA C 24 17.56 -50.58 37.71
C ALA C 24 18.79 -50.50 38.59
N SER C 25 19.57 -49.44 38.37
CA SER C 25 20.74 -49.16 39.20
C SER C 25 21.02 -47.67 39.18
N GLY C 26 21.73 -47.20 40.21
CA GLY C 26 22.20 -45.84 40.25
C GLY C 26 21.28 -44.82 40.88
N TYR C 27 20.14 -45.24 41.43
CA TYR C 27 19.22 -44.33 42.11
C TYR C 27 18.40 -45.16 43.09
N THR C 28 17.56 -44.51 43.89
CA THR C 28 16.72 -45.22 44.85
C THR C 28 15.51 -45.79 44.14
N PHE C 29 15.51 -47.13 43.93
CA PHE C 29 14.50 -47.79 43.11
C PHE C 29 13.07 -47.39 43.49
N THR C 30 12.78 -47.31 44.78
CA THR C 30 11.41 -47.14 45.24
C THR C 30 10.90 -45.71 45.14
N SER C 31 11.74 -44.76 44.73
CA SER C 31 11.38 -43.35 44.74
C SER C 31 10.78 -42.85 43.43
N TYR C 32 10.72 -43.67 42.38
CA TYR C 32 10.35 -43.17 41.07
C TYR C 32 9.49 -44.17 40.32
N TRP C 33 8.43 -43.67 39.68
CA TRP C 33 7.54 -44.55 38.93
C TRP C 33 8.26 -45.10 37.70
N MET C 34 7.99 -46.37 37.38
CA MET C 34 8.50 -47.08 36.21
C MET C 34 7.43 -47.08 35.13
N HIS C 35 7.78 -46.71 33.89
CA HIS C 35 6.85 -46.73 32.77
C HIS C 35 7.24 -47.82 31.79
N TRP C 36 6.24 -48.41 31.13
CA TRP C 36 6.51 -49.36 30.05
C TRP C 36 5.83 -48.91 28.76
N VAL C 37 6.54 -49.15 27.65
CA VAL C 37 6.13 -48.66 26.33
C VAL C 37 6.36 -49.77 25.29
N LYS C 38 5.38 -49.97 24.42
CA LYS C 38 5.42 -50.97 23.36
C LYS C 38 5.64 -50.28 22.01
N GLN C 39 6.46 -50.85 21.15
CA GLN C 39 6.67 -50.29 19.81
C GLN C 39 6.69 -51.41 18.80
N ARG C 40 5.62 -51.57 18.00
CA ARG C 40 5.65 -52.64 17.01
C ARG C 40 6.52 -52.23 15.83
N PRO C 41 7.26 -53.21 15.22
CA PRO C 41 8.26 -52.83 14.20
C PRO C 41 7.71 -51.95 13.09
N GLY C 42 8.27 -50.74 12.97
CA GLY C 42 7.80 -49.74 12.02
C GLY C 42 6.66 -48.86 12.52
N GLN C 43 6.01 -49.21 13.63
CA GLN C 43 4.87 -48.47 14.16
C GLN C 43 5.31 -47.42 15.18
N GLY C 44 4.29 -46.79 15.77
CA GLY C 44 4.49 -45.80 16.80
C GLY C 44 4.60 -46.43 18.18
N LEU C 45 4.55 -45.55 19.16
CA LEU C 45 4.69 -45.91 20.55
C LEU C 45 3.30 -46.03 21.17
N GLU C 46 3.14 -47.00 22.08
CA GLU C 46 1.95 -47.16 22.90
C GLU C 46 2.39 -47.26 24.36
N TRP C 47 1.69 -46.55 25.23
CA TRP C 47 1.97 -46.63 26.66
C TRP C 47 1.23 -47.83 27.23
N ILE C 48 1.96 -48.75 27.88
CA ILE C 48 1.32 -49.89 28.52
C ILE C 48 0.83 -49.56 29.91
N GLY C 49 1.67 -48.92 30.72
CA GLY C 49 1.24 -48.55 32.06
C GLY C 49 2.45 -48.12 32.86
N ASN C 50 2.20 -47.79 34.13
CA ASN C 50 3.30 -47.46 35.03
C ASN C 50 3.09 -48.17 36.36
N ILE C 51 4.13 -48.15 37.19
CA ILE C 51 4.05 -48.86 38.46
C ILE C 51 4.87 -48.09 39.47
N ASP C 52 4.35 -48.02 40.69
CA ASP C 52 5.02 -47.34 41.80
C ASP C 52 5.78 -48.42 42.56
N PRO C 53 7.12 -48.46 42.50
CA PRO C 53 7.82 -49.60 43.11
C PRO C 53 7.79 -49.56 44.61
N ASN C 54 7.37 -48.44 45.20
CA ASN C 54 7.26 -48.39 46.64
C ASN C 54 6.13 -49.25 47.15
N ASN C 55 5.03 -49.38 46.41
CA ASN C 55 3.87 -50.07 46.98
C ASN C 55 3.20 -51.02 45.98
N GLY C 56 3.76 -51.19 44.79
CA GLY C 56 3.21 -51.97 43.69
C GLY C 56 2.04 -51.37 42.94
N GLY C 57 1.61 -50.14 43.27
CA GLY C 57 0.43 -49.58 42.64
C GLY C 57 0.65 -49.34 41.15
N THR C 58 -0.36 -49.68 40.35
CA THR C 58 -0.23 -49.66 38.90
C THR C 58 -1.34 -48.86 38.23
N ASN C 59 -1.01 -48.23 37.10
CA ASN C 59 -2.00 -47.72 36.17
C ASN C 59 -1.73 -48.37 34.83
N GLN C 60 -2.73 -49.00 34.23
CA GLN C 60 -2.53 -49.71 32.97
C GLN C 60 -3.49 -49.18 31.92
N ASN C 61 -2.97 -49.10 30.71
CA ASN C 61 -3.81 -48.90 29.54
C ASN C 61 -4.80 -50.06 29.42
N GLU C 62 -6.09 -49.76 29.36
CA GLU C 62 -7.07 -50.83 29.33
C GLU C 62 -6.93 -51.71 28.09
N LYS C 63 -6.29 -51.22 27.02
CA LYS C 63 -6.01 -52.05 25.86
C LYS C 63 -5.27 -53.34 26.23
N PHE C 64 -4.42 -53.29 27.25
CA PHE C 64 -3.58 -54.43 27.61
C PHE C 64 -4.06 -55.13 28.90
N LYS C 65 -5.31 -54.89 29.32
CA LYS C 65 -5.70 -55.29 30.66
C LYS C 65 -5.62 -56.80 30.85
N ASN C 66 -5.99 -57.59 29.84
CA ASN C 66 -5.90 -59.04 29.94
C ASN C 66 -4.60 -59.57 29.36
N LYS C 67 -3.66 -58.71 29.05
CA LYS C 67 -2.43 -59.12 28.41
C LYS C 67 -1.23 -58.88 29.30
N ALA C 68 -1.17 -57.72 29.93
CA ALA C 68 0.02 -57.28 30.66
C ALA C 68 -0.27 -57.20 32.15
N THR C 69 0.71 -57.62 32.94
CA THR C 69 0.69 -57.43 34.39
C THR C 69 2.05 -56.89 34.77
N LEU C 70 2.06 -55.74 35.44
CA LEU C 70 3.25 -55.07 35.92
C LEU C 70 3.49 -55.41 37.39
N THR C 71 4.72 -55.78 37.73
CA THR C 71 5.15 -56.03 39.11
C THR C 71 6.56 -55.48 39.30
N VAL C 72 7.00 -55.41 40.57
CA VAL C 72 8.35 -55.01 40.92
C VAL C 72 8.89 -55.95 41.98
N ASP C 73 10.21 -56.12 41.97
CA ASP C 73 10.93 -56.81 43.04
C ASP C 73 11.89 -55.80 43.66
N LYS C 74 11.48 -55.24 44.80
CA LYS C 74 12.24 -54.22 45.53
C LYS C 74 13.67 -54.68 45.78
N SER C 75 13.82 -55.91 46.29
CA SER C 75 15.11 -56.38 46.80
C SER C 75 16.13 -56.54 45.68
N SER C 76 15.68 -56.76 44.45
CA SER C 76 16.61 -56.88 43.34
C SER C 76 16.58 -55.67 42.44
N SER C 77 15.79 -54.65 42.79
CA SER C 77 15.64 -53.42 42.02
C SER C 77 15.27 -53.72 40.57
N THR C 78 14.30 -54.61 40.40
CA THR C 78 13.89 -55.02 39.07
C THR C 78 12.38 -54.88 38.90
N ALA C 79 11.98 -54.30 37.79
CA ALA C 79 10.59 -54.23 37.39
C ALA C 79 10.33 -55.30 36.33
N TYR C 80 9.13 -55.87 36.36
CA TYR C 80 8.79 -56.95 35.43
C TYR C 80 7.52 -56.58 34.70
N MET C 81 7.46 -56.98 33.43
CA MET C 81 6.23 -56.95 32.67
C MET C 81 5.93 -58.34 32.14
N HIS C 82 4.83 -58.91 32.62
CA HIS C 82 4.37 -60.25 32.26
C HIS C 82 3.33 -60.12 31.16
N LEU C 83 3.54 -60.83 30.05
CA LEU C 83 2.58 -60.91 28.95
C LEU C 83 2.10 -62.36 28.85
N SER C 84 0.78 -62.55 28.77
CA SER C 84 0.20 -63.88 28.68
C SER C 84 -0.28 -64.20 27.27
N SER C 85 -0.48 -65.49 27.02
CA SER C 85 -1.07 -66.04 25.78
C SER C 85 -0.53 -65.33 24.54
N LEU C 86 0.78 -65.40 24.34
CA LEU C 86 1.41 -64.56 23.34
C LEU C 86 0.92 -64.92 21.95
N THR C 87 0.69 -63.89 21.13
CA THR C 87 0.44 -64.07 19.71
C THR C 87 1.41 -63.22 18.91
N SER C 88 1.29 -63.31 17.59
CA SER C 88 2.13 -62.51 16.71
C SER C 88 1.94 -61.01 16.93
N GLU C 89 0.75 -60.59 17.36
CA GLU C 89 0.48 -59.18 17.66
C GLU C 89 1.33 -58.64 18.82
N ASP C 90 1.89 -59.54 19.64
CA ASP C 90 2.74 -59.18 20.75
C ASP C 90 4.21 -59.00 20.38
N SER C 91 4.64 -59.51 19.21
CA SER C 91 5.98 -59.23 18.72
C SER C 91 6.23 -57.71 18.59
N ALA C 92 7.24 -57.20 19.29
CA ALA C 92 7.44 -55.74 19.39
C ALA C 92 8.71 -55.51 20.17
N VAL C 93 9.15 -54.25 20.22
CA VAL C 93 10.12 -53.81 21.21
C VAL C 93 9.38 -53.25 22.41
N TYR C 94 9.80 -53.66 23.60
CA TYR C 94 9.22 -53.18 24.86
C TYR C 94 10.28 -52.40 25.62
N TYR C 95 9.99 -51.14 25.95
CA TYR C 95 10.89 -50.26 26.70
C TYR C 95 10.41 -50.05 28.14
N CYS C 96 11.35 -49.98 29.08
CA CYS C 96 11.05 -49.41 30.37
C CYS C 96 11.71 -48.04 30.50
N ALA C 97 11.11 -47.15 31.30
CA ALA C 97 11.63 -45.79 31.35
C ALA C 97 11.25 -45.13 32.68
N ILE C 98 12.13 -44.23 33.15
CA ILE C 98 11.92 -43.42 34.36
C ILE C 98 12.38 -41.98 34.11
N GLU C 99 11.98 -41.10 35.02
CA GLU C 99 12.50 -39.74 35.12
C GLU C 99 13.10 -39.50 36.49
N VAL C 100 14.38 -39.15 36.53
CA VAL C 100 15.08 -38.86 37.78
C VAL C 100 15.68 -37.47 37.67
N GLY C 101 15.22 -36.57 38.53
CA GLY C 101 15.61 -35.18 38.40
C GLY C 101 15.00 -34.63 37.12
N TYR C 102 15.84 -33.97 36.34
CA TYR C 102 15.39 -33.41 35.08
C TYR C 102 15.89 -34.21 33.89
N TYR C 103 16.21 -35.48 34.12
CA TYR C 103 16.70 -36.38 33.09
C TYR C 103 15.74 -37.54 32.92
N ASP C 104 15.47 -37.91 31.67
CA ASP C 104 14.80 -39.17 31.39
C ASP C 104 15.84 -40.26 31.16
N TYR C 105 15.45 -41.50 31.46
CA TYR C 105 16.29 -42.67 31.28
C TYR C 105 15.46 -43.82 30.73
N TRP C 106 16.01 -44.50 29.74
CA TRP C 106 15.34 -45.61 29.05
C TRP C 106 16.21 -46.86 29.07
N GLY C 107 15.56 -48.02 29.21
CA GLY C 107 16.18 -49.27 28.84
C GLY C 107 16.42 -49.31 27.34
N GLN C 108 17.35 -50.18 26.93
CA GLN C 108 17.67 -50.27 25.50
C GLN C 108 16.54 -50.93 24.72
N GLY C 109 15.56 -51.49 25.41
CA GLY C 109 14.47 -52.15 24.70
C GLY C 109 14.68 -53.65 24.55
N THR C 110 13.63 -54.43 24.86
CA THR C 110 13.64 -55.87 24.60
C THR C 110 12.86 -56.16 23.33
N THR C 111 13.52 -56.76 22.33
CA THR C 111 12.81 -57.19 21.14
C THR C 111 12.24 -58.57 21.38
N LEU C 112 10.92 -58.65 21.42
CA LEU C 112 10.20 -59.90 21.62
C LEU C 112 9.71 -60.39 20.27
N THR C 113 10.12 -61.59 19.91
CA THR C 113 9.67 -62.30 18.73
C THR C 113 8.81 -63.45 19.22
N VAL C 114 7.56 -63.52 18.77
CA VAL C 114 6.65 -64.62 19.10
C VAL C 114 6.55 -65.52 17.87
N SER C 115 7.09 -66.74 17.95
CA SER C 115 7.20 -67.60 16.79
C SER C 115 7.59 -68.99 17.26
N SER C 116 7.10 -70.01 16.55
CA SER C 116 7.51 -71.38 16.84
C SER C 116 8.42 -71.94 15.74
N ALA C 117 9.00 -71.07 14.92
CA ALA C 117 9.87 -71.54 13.85
C ALA C 117 11.15 -72.13 14.43
N LYS C 118 11.67 -73.16 13.76
CA LYS C 118 12.93 -73.77 14.16
C LYS C 118 14.06 -73.07 13.42
N THR C 119 15.28 -73.31 13.88
CA THR C 119 16.44 -72.68 13.24
C THR C 119 16.55 -73.16 11.79
N THR C 120 16.77 -72.21 10.87
CA THR C 120 16.89 -72.53 9.45
C THR C 120 17.97 -71.65 8.84
N ALA C 121 18.97 -72.28 8.24
CA ALA C 121 20.04 -71.55 7.61
C ALA C 121 19.54 -70.94 6.31
N PRO C 122 20.05 -69.77 5.93
CA PRO C 122 19.57 -69.15 4.69
C PRO C 122 20.08 -69.89 3.47
N SER C 123 19.30 -69.81 2.38
CA SER C 123 19.81 -70.10 1.05
C SER C 123 20.33 -68.78 0.49
N VAL C 124 21.56 -68.79 0.01
CA VAL C 124 22.23 -67.59 -0.48
C VAL C 124 22.41 -67.77 -1.97
N TYR C 125 21.88 -66.83 -2.75
CA TYR C 125 21.91 -66.96 -4.20
C TYR C 125 22.62 -65.78 -4.84
N PRO C 126 23.63 -66.02 -5.69
CA PRO C 126 24.29 -64.92 -6.39
C PRO C 126 23.40 -64.47 -7.51
N LEU C 127 23.28 -63.15 -7.68
CA LEU C 127 22.43 -62.56 -8.73
C LEU C 127 23.31 -61.83 -9.74
N ALA C 128 23.46 -62.40 -10.95
CA ALA C 128 24.29 -61.75 -11.95
C ALA C 128 23.39 -61.23 -13.06
N PRO C 129 23.87 -60.26 -13.86
CA PRO C 129 23.04 -59.70 -14.93
C PRO C 129 22.51 -60.77 -15.88
N VAL C 130 21.52 -60.35 -16.67
CA VAL C 130 21.02 -61.16 -17.77
C VAL C 130 22.15 -61.54 -18.75
N CYS C 131 21.99 -62.69 -19.41
CA CYS C 131 22.80 -63.12 -20.55
C CYS C 131 23.40 -61.91 -21.30
N GLY C 132 24.72 -61.85 -21.39
CA GLY C 132 25.38 -60.76 -22.11
C GLY C 132 25.03 -59.38 -21.57
N GLY C 136 26.14 -51.05 -19.91
CA GLY C 136 26.56 -49.66 -19.86
C GLY C 136 27.88 -49.42 -19.14
N SER C 137 28.03 -48.26 -18.50
CA SER C 137 29.27 -47.90 -17.80
C SER C 137 29.35 -48.44 -16.37
N SER C 138 28.22 -48.73 -15.73
CA SER C 138 28.20 -49.33 -14.41
C SER C 138 27.35 -50.59 -14.44
N VAL C 139 27.68 -51.53 -13.57
CA VAL C 139 27.02 -52.83 -13.47
C VAL C 139 26.58 -53.07 -12.02
N THR C 140 25.37 -53.59 -11.86
CA THR C 140 24.81 -53.88 -10.54
C THR C 140 24.68 -55.38 -10.37
N LEU C 141 25.24 -55.90 -9.29
CA LEU C 141 25.14 -57.29 -8.90
C LEU C 141 24.29 -57.39 -7.65
N GLY C 142 23.82 -58.60 -7.34
CA GLY C 142 23.09 -58.75 -6.10
C GLY C 142 23.29 -60.10 -5.45
N CYS C 143 22.56 -60.26 -4.35
CA CYS C 143 22.73 -61.40 -3.46
C CYS C 143 21.43 -61.57 -2.71
N LEU C 144 20.76 -62.69 -2.92
CA LEU C 144 19.47 -62.95 -2.28
C LEU C 144 19.68 -63.94 -1.14
N VAL C 145 19.32 -63.52 0.08
CA VAL C 145 19.47 -64.35 1.28
C VAL C 145 18.08 -64.77 1.73
N LYS C 146 17.69 -65.99 1.41
CA LYS C 146 16.30 -66.39 1.44
C LYS C 146 16.03 -67.43 2.53
N GLY C 147 14.98 -67.21 3.29
CA GLY C 147 14.39 -68.25 4.11
C GLY C 147 15.20 -68.64 5.34
N TYR C 148 15.55 -67.70 6.21
CA TYR C 148 16.28 -68.06 7.41
C TYR C 148 15.48 -67.73 8.67
N PHE C 149 15.94 -68.31 9.79
CA PHE C 149 15.38 -68.05 11.10
C PHE C 149 16.31 -68.59 12.19
N PRO C 150 16.56 -67.84 13.27
CA PRO C 150 16.06 -66.47 13.56
C PRO C 150 16.84 -65.38 12.85
N GLU C 151 16.50 -64.13 13.12
CA GLU C 151 17.38 -63.01 12.81
C GLU C 151 18.54 -63.01 13.81
N PRO C 152 19.68 -62.43 13.46
CA PRO C 152 20.01 -61.76 12.21
C PRO C 152 20.89 -62.60 11.30
N VAL C 153 21.22 -62.02 10.16
CA VAL C 153 22.36 -62.43 9.37
C VAL C 153 23.26 -61.22 9.23
N THR C 154 24.51 -61.48 8.87
CA THR C 154 25.42 -60.42 8.49
C THR C 154 25.86 -60.63 7.06
N LEU C 155 25.63 -59.63 6.21
CA LEU C 155 26.01 -59.73 4.82
C LEU C 155 27.07 -58.69 4.54
N THR C 156 28.16 -59.11 3.92
CA THR C 156 29.16 -58.18 3.41
C THR C 156 29.52 -58.57 1.98
N TRP C 157 30.22 -57.66 1.32
CA TRP C 157 30.74 -57.89 -0.02
C TRP C 157 32.26 -57.87 0.05
N ASN C 158 32.90 -58.86 -0.58
CA ASN C 158 34.35 -59.06 -0.53
C ASN C 158 34.87 -58.88 0.91
N SER C 159 34.18 -59.55 1.84
CA SER C 159 34.56 -59.63 3.25
C SER C 159 34.67 -58.24 3.91
N GLY C 160 33.95 -57.26 3.39
CA GLY C 160 33.95 -55.92 3.93
C GLY C 160 34.77 -54.93 3.14
N SER C 161 35.68 -55.38 2.30
CA SER C 161 36.52 -54.46 1.53
C SER C 161 35.72 -53.74 0.43
N LEU C 162 34.54 -54.23 0.07
CA LEU C 162 33.63 -53.56 -0.87
C LEU C 162 32.45 -52.99 -0.08
N SER C 163 32.54 -51.70 0.25
CA SER C 163 31.53 -51.00 1.04
C SER C 163 30.80 -49.89 0.28
N SER C 164 31.42 -49.26 -0.72
CA SER C 164 30.70 -48.21 -1.42
C SER C 164 29.79 -48.81 -2.49
N GLY C 165 28.75 -48.07 -2.85
CA GLY C 165 27.78 -48.51 -3.85
C GLY C 165 26.88 -49.67 -3.44
N VAL C 166 26.81 -49.95 -2.14
CA VAL C 166 26.14 -51.15 -1.63
C VAL C 166 24.81 -50.73 -1.04
N HIS C 167 23.76 -51.48 -1.31
CA HIS C 167 22.49 -51.27 -0.65
C HIS C 167 22.07 -52.60 -0.04
N THR C 168 22.07 -52.70 1.29
CA THR C 168 21.60 -53.91 1.96
C THR C 168 20.24 -53.60 2.56
N PHE C 169 19.22 -54.40 2.20
CA PHE C 169 17.87 -54.02 2.55
C PHE C 169 17.40 -54.71 3.81
N PRO C 170 16.51 -54.04 4.55
CA PRO C 170 15.99 -54.63 5.80
C PRO C 170 15.35 -55.98 5.55
N ALA C 171 15.51 -56.90 6.51
CA ALA C 171 14.89 -58.23 6.41
C ALA C 171 13.37 -58.11 6.47
N VAL C 172 12.67 -58.97 5.73
CA VAL C 172 11.21 -59.02 5.81
C VAL C 172 10.77 -60.45 6.14
N LEU C 173 9.79 -60.58 7.04
CA LEU C 173 9.27 -61.88 7.42
C LEU C 173 8.21 -62.35 6.44
N GLN C 174 8.43 -63.51 5.81
CA GLN C 174 7.44 -64.13 4.93
C GLN C 174 7.31 -65.62 5.28
N SER C 175 6.11 -66.03 5.68
CA SER C 175 5.79 -67.42 6.00
C SER C 175 6.74 -68.01 7.05
N ASP C 176 6.93 -67.25 8.13
CA ASP C 176 7.72 -67.62 9.29
C ASP C 176 9.21 -67.63 9.03
N LEU C 177 9.66 -67.26 7.84
CA LEU C 177 11.08 -67.18 7.59
C LEU C 177 11.39 -65.77 7.10
N TYR C 178 12.64 -65.34 7.28
CA TYR C 178 13.09 -64.03 6.86
C TYR C 178 13.82 -64.12 5.52
N THR C 179 13.82 -62.99 4.80
CA THR C 179 14.56 -62.92 3.53
C THR C 179 15.14 -61.50 3.42
N LEU C 180 16.41 -61.39 3.02
CA LEU C 180 17.00 -60.06 2.75
C LEU C 180 17.73 -60.09 1.41
N SER C 181 17.99 -58.91 0.87
CA SER C 181 18.70 -58.78 -0.42
C SER C 181 19.75 -57.69 -0.28
N SER C 182 20.82 -57.80 -1.03
CA SER C 182 21.80 -56.73 -1.09
C SER C 182 22.19 -56.50 -2.54
N SER C 183 22.32 -55.22 -2.93
CA SER C 183 22.85 -54.93 -4.26
C SER C 183 24.19 -54.23 -4.12
N VAL C 184 25.04 -54.42 -5.12
CA VAL C 184 26.27 -53.67 -5.21
C VAL C 184 26.45 -53.21 -6.66
N THR C 185 26.88 -51.96 -6.83
CA THR C 185 27.04 -51.31 -8.13
C THR C 185 28.51 -50.91 -8.27
N VAL C 186 29.15 -51.31 -9.37
CA VAL C 186 30.56 -51.02 -9.65
C VAL C 186 30.70 -50.65 -11.12
N THR C 187 31.85 -50.08 -11.49
CA THR C 187 32.03 -49.73 -12.90
C THR C 187 32.12 -51.00 -13.74
N SER C 188 31.74 -50.87 -15.01
CA SER C 188 31.81 -52.01 -15.92
C SER C 188 33.21 -52.59 -16.02
N SER C 189 34.24 -51.76 -15.91
CA SER C 189 35.60 -52.27 -16.03
C SER C 189 36.05 -53.05 -14.80
N THR C 190 35.33 -52.96 -13.68
CA THR C 190 35.68 -53.68 -12.46
C THR C 190 35.24 -55.13 -12.50
N TRP C 191 34.03 -55.39 -12.97
CA TRP C 191 33.45 -56.73 -13.02
C TRP C 191 33.04 -57.04 -14.46
N PRO C 192 33.26 -58.28 -14.93
CA PRO C 192 33.75 -59.42 -14.13
C PRO C 192 35.25 -59.68 -14.12
N SER C 193 36.11 -58.74 -14.54
CA SER C 193 37.55 -58.94 -14.46
C SER C 193 38.02 -59.09 -13.02
N GLN C 194 37.37 -58.44 -12.07
CA GLN C 194 37.71 -58.57 -10.66
C GLN C 194 36.63 -59.38 -9.96
N SER C 195 37.07 -60.13 -8.97
CA SER C 195 36.19 -61.06 -8.29
C SER C 195 35.33 -60.30 -7.27
N ILE C 196 34.00 -60.47 -7.35
CA ILE C 196 33.08 -59.93 -6.35
C ILE C 196 32.32 -61.07 -5.70
N THR C 197 32.35 -61.12 -4.37
CA THR C 197 31.77 -62.21 -3.60
C THR C 197 30.89 -61.68 -2.47
N CYS C 198 29.73 -62.33 -2.29
CA CYS C 198 28.78 -62.06 -1.23
C CYS C 198 29.08 -63.01 -0.06
N ASN C 199 29.34 -62.46 1.14
CA ASN C 199 29.60 -63.26 2.34
C ASN C 199 28.46 -63.08 3.34
N VAL C 200 27.85 -64.20 3.74
CA VAL C 200 26.67 -64.20 4.60
C VAL C 200 26.93 -65.11 5.78
N ALA C 201 26.75 -64.56 6.98
CA ALA C 201 26.94 -65.27 8.23
C ALA C 201 25.57 -65.39 8.90
N HIS C 202 25.23 -66.58 9.41
CA HIS C 202 23.99 -66.75 10.17
C HIS C 202 24.36 -67.43 11.47
N PRO C 203 24.66 -66.65 12.52
CA PRO C 203 25.23 -67.24 13.73
C PRO C 203 24.40 -68.35 14.35
N ALA C 204 23.07 -68.25 14.29
CA ALA C 204 22.27 -69.21 15.05
C ALA C 204 22.37 -70.61 14.43
N SER C 205 22.66 -70.71 13.14
CA SER C 205 22.92 -71.99 12.50
C SER C 205 24.41 -72.24 12.29
N SER C 206 25.29 -71.40 12.86
CA SER C 206 26.74 -71.51 12.67
C SER C 206 27.13 -71.59 11.18
N THR C 207 26.34 -70.94 10.34
CA THR C 207 26.56 -70.86 8.89
C THR C 207 27.45 -69.67 8.53
N LYS C 208 28.42 -69.93 7.65
CA LYS C 208 29.19 -68.86 7.01
C LYS C 208 29.39 -69.28 5.54
N VAL C 209 28.76 -68.58 4.62
CA VAL C 209 28.89 -68.94 3.21
C VAL C 209 29.40 -67.75 2.40
N ASP C 210 30.14 -68.09 1.34
CA ASP C 210 30.66 -67.13 0.35
C ASP C 210 30.11 -67.52 -1.01
N LYS C 211 29.53 -66.56 -1.73
CA LYS C 211 28.91 -66.83 -3.03
C LYS C 211 29.55 -65.88 -4.03
N LYS C 212 30.44 -66.40 -4.87
CA LYS C 212 31.01 -65.56 -5.92
C LYS C 212 29.94 -65.25 -6.97
N ILE C 213 29.90 -64.01 -7.41
CA ILE C 213 28.98 -63.63 -8.49
C ILE C 213 29.65 -63.94 -9.81
N GLU C 214 29.09 -64.89 -10.55
CA GLU C 214 29.65 -65.29 -11.81
C GLU C 214 28.73 -64.89 -12.96
N PRO C 215 29.29 -64.41 -14.07
CA PRO C 215 28.50 -64.22 -15.29
C PRO C 215 27.70 -65.46 -15.63
N ARG C 216 26.50 -65.26 -16.18
CA ARG C 216 25.70 -66.40 -16.65
C ARG C 216 26.28 -66.90 -17.97
N GLY C 217 26.46 -68.21 -18.09
CA GLY C 217 26.95 -68.78 -19.35
C GLY C 217 28.22 -69.62 -19.25
N ASP D 1 -10.36 -42.30 25.35
CA ASP D 1 -8.92 -42.03 25.30
C ASP D 1 -8.63 -40.83 24.42
N ILE D 2 -7.67 -40.00 24.84
CA ILE D 2 -7.30 -38.80 24.11
C ILE D 2 -6.47 -39.20 22.90
N VAL D 3 -6.87 -38.74 21.72
CA VAL D 3 -6.11 -39.03 20.49
C VAL D 3 -5.18 -37.86 20.20
N MET D 4 -3.91 -38.17 19.89
CA MET D 4 -2.95 -37.13 19.54
C MET D 4 -2.63 -37.30 18.06
N THR D 5 -2.81 -36.25 17.27
CA THR D 5 -2.70 -36.36 15.81
C THR D 5 -1.52 -35.53 15.34
N GLN D 6 -0.51 -36.22 14.80
CA GLN D 6 0.54 -35.57 14.02
C GLN D 6 0.16 -35.77 12.56
N SER D 7 -0.41 -34.72 11.95
CA SER D 7 -1.00 -34.83 10.63
C SER D 7 0.02 -35.10 9.52
N GLN D 8 1.30 -34.83 9.76
CA GLN D 8 2.36 -35.04 8.77
C GLN D 8 3.20 -36.25 9.17
N LYS D 9 3.08 -37.36 8.43
CA LYS D 9 3.93 -38.49 8.74
C LYS D 9 5.37 -38.25 8.28
N PHE D 10 5.55 -37.48 7.22
CA PHE D 10 6.87 -37.09 6.72
C PHE D 10 6.90 -35.60 6.47
N MET D 11 8.00 -34.98 6.86
CA MET D 11 8.25 -33.57 6.55
C MET D 11 9.61 -33.41 5.89
N SER D 12 9.62 -32.80 4.71
CA SER D 12 10.86 -32.44 4.03
C SER D 12 11.36 -31.09 4.54
N THR D 13 12.67 -31.01 4.76
CA THR D 13 13.32 -29.80 5.21
C THR D 13 14.72 -29.78 4.61
N SER D 14 15.55 -28.83 5.05
CA SER D 14 16.95 -28.76 4.64
C SER D 14 17.80 -28.46 5.87
N VAL D 15 19.04 -28.94 5.85
CA VAL D 15 19.97 -28.61 6.93
C VAL D 15 20.14 -27.09 6.98
N GLY D 16 20.04 -26.53 8.18
CA GLY D 16 20.13 -25.11 8.37
C GLY D 16 18.82 -24.37 8.36
N ASP D 17 17.72 -25.03 7.99
CA ASP D 17 16.43 -24.37 8.01
C ASP D 17 15.83 -24.40 9.42
N ARG D 18 14.71 -23.73 9.56
CA ARG D 18 13.83 -23.87 10.70
C ARG D 18 12.72 -24.81 10.27
N VAL D 19 12.30 -25.72 11.15
CA VAL D 19 11.17 -26.57 10.83
C VAL D 19 10.32 -26.72 12.07
N SER D 20 9.01 -26.95 11.87
CA SER D 20 8.07 -27.07 12.98
C SER D 20 7.20 -28.28 12.72
N VAL D 21 6.97 -29.08 13.76
CA VAL D 21 6.15 -30.30 13.72
C VAL D 21 4.94 -30.09 14.63
N THR D 22 3.75 -30.38 14.12
CA THR D 22 2.56 -30.06 14.90
C THR D 22 1.85 -31.31 15.39
N CYS D 23 1.04 -31.10 16.42
CA CYS D 23 0.33 -32.18 17.10
C CYS D 23 -0.94 -31.59 17.68
N LYS D 24 -2.08 -32.20 17.39
CA LYS D 24 -3.35 -31.70 17.88
C LYS D 24 -4.00 -32.74 18.79
N ALA D 25 -4.37 -32.33 20.01
CA ALA D 25 -4.97 -33.25 20.96
C ALA D 25 -6.47 -33.24 20.73
N SER D 26 -7.12 -34.39 20.98
CA SER D 26 -8.55 -34.48 20.68
C SER D 26 -9.40 -33.82 21.75
N GLN D 27 -8.83 -33.56 22.93
CA GLN D 27 -9.47 -32.76 23.95
C GLN D 27 -8.37 -32.05 24.72
N ASN D 28 -8.76 -31.12 25.57
CA ASN D 28 -7.80 -30.20 26.15
C ASN D 28 -6.85 -30.97 27.07
N VAL D 29 -5.55 -30.69 26.98
CA VAL D 29 -4.60 -31.43 27.82
C VAL D 29 -3.71 -30.44 28.57
N GLY D 30 -4.15 -29.19 28.65
CA GLY D 30 -3.36 -28.18 29.34
C GLY D 30 -2.02 -28.01 28.66
N THR D 31 -0.94 -28.02 29.45
CA THR D 31 0.41 -28.07 28.91
C THR D 31 1.11 -29.39 29.24
N ASN D 32 0.34 -30.43 29.57
CA ASN D 32 0.94 -31.71 29.96
C ASN D 32 1.22 -32.53 28.70
N VAL D 33 2.17 -32.03 27.91
CA VAL D 33 2.55 -32.62 26.63
C VAL D 33 4.05 -32.75 26.62
N ALA D 34 4.54 -33.89 26.11
CA ALA D 34 5.98 -34.15 25.93
C ALA D 34 6.29 -34.39 24.46
N TRP D 35 7.55 -34.16 24.10
CA TRP D 35 8.07 -34.45 22.77
C TRP D 35 9.30 -35.35 22.91
N TYR D 36 9.38 -36.34 22.01
CA TYR D 36 10.42 -37.36 21.98
C TYR D 36 11.04 -37.42 20.58
N GLN D 37 12.35 -37.63 20.55
CA GLN D 37 13.08 -37.98 19.33
C GLN D 37 13.40 -39.48 19.36
N GLN D 38 13.33 -40.15 18.20
CA GLN D 38 13.72 -41.55 18.13
C GLN D 38 14.58 -41.78 16.89
N LYS D 39 15.86 -42.04 17.10
CA LYS D 39 16.77 -42.41 16.01
C LYS D 39 16.67 -43.91 15.73
N PRO D 40 16.97 -44.34 14.50
CA PRO D 40 16.80 -45.76 14.15
C PRO D 40 17.58 -46.67 15.09
N GLY D 41 16.93 -47.74 15.54
CA GLY D 41 17.57 -48.70 16.41
C GLY D 41 17.83 -48.24 17.83
N GLN D 42 17.41 -47.03 18.22
CA GLN D 42 17.64 -46.48 19.56
C GLN D 42 16.34 -46.34 20.32
N SER D 43 16.45 -46.23 21.64
CA SER D 43 15.29 -45.89 22.44
C SER D 43 14.83 -44.45 22.17
N PRO D 44 13.54 -44.15 22.40
CA PRO D 44 13.10 -42.75 22.39
C PRO D 44 13.93 -41.95 23.38
N LYS D 45 14.09 -40.68 23.06
CA LYS D 45 14.79 -39.72 23.89
C LYS D 45 13.86 -38.52 24.14
N ALA D 46 13.66 -38.15 25.41
CA ALA D 46 12.73 -37.06 25.72
C ALA D 46 13.36 -35.73 25.37
N LEU D 47 12.63 -34.91 24.63
CA LEU D 47 13.17 -33.57 24.32
C LEU D 47 12.55 -32.48 25.18
N ILE D 48 11.24 -32.51 25.32
CA ILE D 48 10.45 -31.43 25.92
C ILE D 48 9.44 -32.02 26.90
N TYR D 49 9.24 -31.36 28.06
CA TYR D 49 8.09 -31.68 28.91
C TYR D 49 7.34 -30.40 29.24
N SER D 50 6.09 -30.59 29.68
CA SER D 50 5.22 -29.45 30.01
C SER D 50 5.17 -28.46 28.85
N ALA D 51 5.15 -29.02 27.64
CA ALA D 51 4.96 -28.29 26.38
C ALA D 51 6.16 -27.47 25.90
N SER D 52 6.92 -26.85 26.82
CA SER D 52 7.97 -25.90 26.43
C SER D 52 9.28 -26.07 27.17
N TYR D 53 9.39 -26.98 28.15
CA TYR D 53 10.60 -27.11 28.97
C TYR D 53 11.51 -28.20 28.41
N ARG D 54 12.76 -27.84 28.12
CA ARG D 54 13.71 -28.83 27.63
C ARG D 54 14.21 -29.68 28.78
N TYR D 55 14.30 -30.99 28.56
CA TYR D 55 15.03 -31.83 29.50
C TYR D 55 16.48 -31.36 29.50
N SER D 56 17.19 -31.60 30.59
CA SER D 56 18.61 -31.27 30.63
C SER D 56 19.39 -32.03 29.56
N GLY D 57 20.38 -31.37 28.99
CA GLY D 57 21.20 -31.91 27.94
C GLY D 57 20.66 -31.72 26.54
N VAL D 58 19.37 -31.46 26.39
CA VAL D 58 18.79 -31.30 25.05
C VAL D 58 19.31 -29.99 24.44
N PRO D 59 19.75 -29.99 23.18
CA PRO D 59 20.28 -28.75 22.59
C PRO D 59 19.20 -27.69 22.47
N ASP D 60 19.62 -26.43 22.53
CA ASP D 60 18.53 -25.46 22.66
C ASP D 60 17.91 -25.06 21.33
N ARG D 61 18.29 -25.71 20.22
CA ARG D 61 17.61 -25.48 18.97
C ARG D 61 16.22 -26.10 18.96
N PHE D 62 15.95 -27.01 19.91
CA PHE D 62 14.63 -27.58 20.11
C PHE D 62 13.84 -26.71 21.08
N THR D 63 12.65 -26.28 20.67
CA THR D 63 11.73 -25.56 21.53
C THR D 63 10.35 -26.16 21.34
N GLY D 64 9.50 -25.95 22.34
CA GLY D 64 8.11 -26.37 22.26
C GLY D 64 7.20 -25.23 22.64
N SER D 65 5.99 -25.25 22.08
CA SER D 65 4.99 -24.25 22.43
C SER D 65 3.61 -24.88 22.29
N GLY D 66 2.60 -24.13 22.76
CA GLY D 66 1.21 -24.49 22.68
C GLY D 66 0.64 -24.82 24.06
N SER D 67 -0.69 -24.83 24.12
CA SER D 67 -1.43 -25.18 25.33
C SER D 67 -2.85 -25.49 24.91
N GLY D 68 -3.51 -26.35 25.68
CA GLY D 68 -4.87 -26.68 25.34
C GLY D 68 -4.89 -27.86 24.38
N THR D 69 -4.97 -27.60 23.05
CA THR D 69 -5.00 -28.70 22.09
C THR D 69 -3.97 -28.65 20.96
N ASP D 70 -3.35 -27.53 20.66
CA ASP D 70 -2.42 -27.47 19.52
C ASP D 70 -1.01 -27.23 20.01
N PHE D 71 -0.11 -28.12 19.63
CA PHE D 71 1.23 -28.13 20.16
C PHE D 71 2.20 -28.13 19.02
N THR D 72 3.30 -27.40 19.20
CA THR D 72 4.32 -27.32 18.17
C THR D 72 5.69 -27.64 18.74
N LEU D 73 6.44 -28.51 18.05
CA LEU D 73 7.86 -28.67 18.28
C LEU D 73 8.61 -27.96 17.16
N THR D 74 9.57 -27.11 17.51
CA THR D 74 10.30 -26.32 16.52
C THR D 74 11.80 -26.60 16.64
N ILE D 75 12.46 -26.80 15.51
CA ILE D 75 13.91 -26.88 15.47
C ILE D 75 14.41 -25.67 14.72
N SER D 76 15.27 -24.88 15.37
CA SER D 76 15.54 -23.55 14.82
C SER D 76 16.60 -23.55 13.73
N ASP D 77 17.46 -24.57 13.66
CA ASP D 77 18.57 -24.63 12.70
C ASP D 77 18.90 -26.11 12.50
N VAL D 78 18.17 -26.76 11.58
CA VAL D 78 18.22 -28.22 11.45
C VAL D 78 19.64 -28.72 11.23
N GLN D 79 20.03 -29.76 11.96
CA GLN D 79 21.32 -30.42 11.81
C GLN D 79 21.12 -31.80 11.17
N SER D 80 22.16 -32.30 10.51
CA SER D 80 22.01 -33.59 9.85
C SER D 80 21.58 -34.68 10.83
N GLU D 81 22.02 -34.63 12.10
CA GLU D 81 21.61 -35.66 13.07
C GLU D 81 20.13 -35.57 13.45
N ASP D 82 19.47 -34.44 13.17
CA ASP D 82 18.09 -34.23 13.57
C ASP D 82 17.07 -34.89 12.64
N LEU D 83 17.51 -35.51 11.55
CA LEU D 83 16.60 -35.95 10.49
C LEU D 83 16.03 -37.32 10.82
N THR D 84 15.20 -37.36 11.85
CA THR D 84 14.71 -38.61 12.41
C THR D 84 13.23 -38.47 12.72
N GLU D 85 12.72 -39.39 13.53
CA GLU D 85 11.33 -39.41 13.93
C GLU D 85 11.15 -38.60 15.19
N TYR D 86 10.01 -37.90 15.28
CA TYR D 86 9.60 -37.17 16.49
C TYR D 86 8.16 -37.55 16.84
N PHE D 87 7.91 -37.76 18.14
CA PHE D 87 6.57 -38.12 18.63
C PHE D 87 6.14 -37.12 19.70
N CYS D 88 4.86 -36.68 19.62
CA CYS D 88 4.25 -35.98 20.73
C CYS D 88 3.52 -36.96 21.65
N GLU D 89 3.23 -36.49 22.86
CA GLU D 89 2.59 -37.35 23.86
C GLU D 89 1.85 -36.50 24.86
N GLN D 90 0.63 -36.90 25.20
CA GLN D 90 -0.08 -36.27 26.31
C GLN D 90 0.01 -37.18 27.53
N TYR D 91 0.35 -36.58 28.68
CA TYR D 91 0.31 -37.24 29.98
C TYR D 91 -0.57 -36.46 30.95
N ASN D 92 -1.64 -35.84 30.44
CA ASN D 92 -2.59 -35.14 31.32
C ASN D 92 -3.52 -36.11 32.04
N SER D 93 -3.91 -37.19 31.36
CA SER D 93 -4.79 -38.21 31.94
C SER D 93 -4.43 -39.57 31.37
N TYR D 94 -4.69 -40.60 32.18
CA TYR D 94 -4.45 -41.98 31.80
C TYR D 94 -5.56 -42.43 30.84
N PRO D 95 -5.24 -43.30 29.88
CA PRO D 95 -3.89 -43.77 29.53
C PRO D 95 -3.12 -42.68 28.81
N TYR D 96 -1.84 -42.52 29.11
CA TYR D 96 -1.02 -41.63 28.30
C TYR D 96 -1.07 -42.11 26.84
N THR D 97 -1.02 -41.15 25.91
CA THR D 97 -1.13 -41.48 24.49
C THR D 97 -0.12 -40.67 23.68
N PHE D 98 0.40 -41.31 22.63
CA PHE D 98 1.38 -40.76 21.73
C PHE D 98 0.76 -40.38 20.39
N GLY D 99 1.33 -39.37 19.76
CA GLY D 99 1.06 -39.11 18.35
C GLY D 99 1.66 -40.19 17.47
N GLY D 100 1.30 -40.16 16.19
CA GLY D 100 1.75 -41.19 15.28
C GLY D 100 3.18 -41.07 14.79
N GLY D 101 3.83 -39.94 15.04
CA GLY D 101 5.20 -39.72 14.62
C GLY D 101 5.28 -38.88 13.35
N THR D 102 6.35 -38.11 13.23
CA THR D 102 6.65 -37.35 12.04
C THR D 102 8.12 -37.59 11.75
N LYS D 103 8.44 -37.99 10.51
CA LYS D 103 9.81 -38.24 10.07
C LYS D 103 10.31 -37.04 9.26
N LEU D 104 11.44 -36.46 9.68
CA LEU D 104 12.06 -35.34 8.98
C LEU D 104 12.98 -35.94 7.92
N GLU D 105 12.91 -35.43 6.69
CA GLU D 105 13.73 -35.95 5.60
C GLU D 105 14.29 -34.76 4.83
N ILE D 106 15.38 -35.01 4.08
CA ILE D 106 16.12 -33.95 3.41
C ILE D 106 15.54 -33.74 2.01
N LYS D 107 15.20 -32.50 1.67
CA LYS D 107 14.74 -32.20 0.33
C LYS D 107 15.91 -32.22 -0.66
N ARG D 108 15.67 -32.75 -1.88
CA ARG D 108 16.68 -32.67 -2.93
C ARG D 108 15.99 -32.77 -4.30
N ALA D 109 16.80 -32.70 -5.36
CA ALA D 109 16.27 -32.79 -6.70
C ALA D 109 15.68 -34.17 -6.95
N ASP D 110 14.62 -34.23 -7.76
CA ASP D 110 14.07 -35.52 -8.17
C ASP D 110 15.14 -36.35 -8.88
N ALA D 111 15.06 -37.67 -8.69
CA ALA D 111 15.99 -38.60 -9.32
C ALA D 111 15.23 -39.84 -9.72
N ALA D 112 15.39 -40.22 -10.99
CA ALA D 112 14.82 -41.47 -11.46
C ALA D 112 15.63 -42.64 -10.89
N PRO D 113 14.96 -43.72 -10.50
CA PRO D 113 15.68 -44.90 -10.00
C PRO D 113 16.54 -45.55 -11.08
N THR D 114 17.67 -46.11 -10.66
CA THR D 114 18.42 -47.05 -11.49
C THR D 114 17.82 -48.43 -11.26
N VAL D 115 17.20 -49.02 -12.29
CA VAL D 115 16.48 -50.30 -12.15
C VAL D 115 17.32 -51.42 -12.74
N SER D 116 17.47 -52.53 -11.99
CA SER D 116 18.18 -53.75 -12.42
C SER D 116 17.31 -54.95 -12.12
N ILE D 117 17.11 -55.83 -13.11
CA ILE D 117 16.28 -57.03 -12.94
C ILE D 117 17.16 -58.26 -13.05
N PHE D 118 16.85 -59.26 -12.23
CA PHE D 118 17.69 -60.45 -12.11
C PHE D 118 16.80 -61.68 -12.23
N PRO D 119 16.98 -62.50 -13.27
CA PRO D 119 16.27 -63.77 -13.33
C PRO D 119 16.72 -64.66 -12.18
N PRO D 120 15.96 -65.72 -11.88
CA PRO D 120 16.38 -66.66 -10.84
C PRO D 120 17.78 -67.19 -11.14
N SER D 121 18.58 -67.31 -10.10
CA SER D 121 19.90 -67.91 -10.27
C SER D 121 19.79 -69.41 -10.55
N SER D 122 20.85 -69.95 -11.15
CA SER D 122 20.94 -71.39 -11.39
C SER D 122 20.87 -72.15 -10.08
N GLU D 123 21.52 -71.63 -9.05
CA GLU D 123 21.54 -72.31 -7.76
C GLU D 123 20.11 -72.49 -7.25
N GLN D 124 19.27 -71.46 -7.41
CA GLN D 124 17.92 -71.55 -6.88
C GLN D 124 17.04 -72.44 -7.72
N LEU D 125 17.15 -72.32 -9.05
CA LEU D 125 16.41 -73.21 -9.94
C LEU D 125 16.77 -74.67 -9.65
N THR D 126 18.03 -74.95 -9.37
CA THR D 126 18.44 -76.32 -9.05
C THR D 126 17.77 -76.82 -7.76
N SER D 127 17.49 -75.92 -6.82
CA SER D 127 16.86 -76.22 -5.53
C SER D 127 15.35 -76.37 -5.60
N GLY D 128 14.72 -76.04 -6.74
CA GLY D 128 13.27 -76.06 -6.87
C GLY D 128 12.54 -74.73 -6.65
N GLY D 129 13.23 -73.62 -6.44
CA GLY D 129 12.59 -72.32 -6.28
C GLY D 129 12.80 -71.46 -7.51
N ALA D 130 12.12 -70.31 -7.54
CA ALA D 130 12.37 -69.29 -8.57
C ALA D 130 11.98 -67.92 -8.04
N SER D 131 12.98 -67.09 -7.72
CA SER D 131 12.74 -65.70 -7.34
C SER D 131 13.29 -64.76 -8.40
N VAL D 132 12.48 -63.79 -8.81
CA VAL D 132 12.92 -62.72 -9.71
C VAL D 132 13.09 -61.46 -8.88
N VAL D 133 14.30 -60.88 -8.92
CA VAL D 133 14.67 -59.78 -8.04
C VAL D 133 14.86 -58.51 -8.86
N CYS D 134 14.36 -57.42 -8.32
CA CYS D 134 14.43 -56.12 -8.97
C CYS D 134 14.86 -55.10 -7.95
N PHE D 135 15.97 -54.40 -8.21
CA PHE D 135 16.44 -53.31 -7.38
C PHE D 135 16.11 -52.00 -8.08
N LEU D 136 15.57 -51.05 -7.33
CA LEU D 136 15.24 -49.70 -7.78
C LEU D 136 16.00 -48.78 -6.86
N ASN D 137 17.15 -48.29 -7.34
CA ASN D 137 18.15 -47.68 -6.50
C ASN D 137 18.31 -46.19 -6.77
N ASN D 138 18.54 -45.47 -5.67
CA ASN D 138 18.96 -44.07 -5.62
C ASN D 138 17.95 -43.14 -6.31
N PHE D 139 16.70 -43.22 -5.89
CA PHE D 139 15.64 -42.41 -6.45
C PHE D 139 15.17 -41.37 -5.44
N TYR D 140 14.50 -40.33 -5.94
CA TYR D 140 13.91 -39.31 -5.08
C TYR D 140 12.72 -38.71 -5.82
N PRO D 141 11.58 -38.46 -5.13
CA PRO D 141 11.28 -38.62 -3.69
C PRO D 141 11.06 -40.07 -3.26
N LYS D 142 10.69 -40.26 -1.99
CA LYS D 142 10.60 -41.60 -1.41
C LYS D 142 9.45 -42.42 -1.98
N ASP D 143 8.38 -41.80 -2.43
CA ASP D 143 7.22 -42.54 -2.89
C ASP D 143 7.43 -43.05 -4.31
N ILE D 144 7.44 -44.38 -4.45
CA ILE D 144 7.59 -45.02 -5.75
C ILE D 144 6.62 -46.20 -5.80
N ASN D 145 6.20 -46.54 -7.01
CA ASN D 145 5.39 -47.73 -7.27
C ASN D 145 6.19 -48.69 -8.11
N VAL D 146 6.24 -49.95 -7.66
CA VAL D 146 6.81 -51.03 -8.47
C VAL D 146 5.65 -51.91 -8.92
N LYS D 147 5.66 -52.24 -10.21
CA LYS D 147 4.67 -53.13 -10.83
C LYS D 147 5.42 -54.25 -11.55
N TRP D 148 5.01 -55.50 -11.29
CA TRP D 148 5.48 -56.66 -12.03
C TRP D 148 4.47 -57.05 -13.10
N LYS D 149 4.97 -57.44 -14.27
CA LYS D 149 4.13 -58.02 -15.31
C LYS D 149 4.76 -59.34 -15.77
N ILE D 150 3.91 -60.34 -15.95
CA ILE D 150 4.32 -61.61 -16.53
C ILE D 150 3.51 -61.81 -17.79
N ASP D 151 4.21 -62.03 -18.90
CA ASP D 151 3.56 -62.15 -20.20
C ASP D 151 2.53 -61.02 -20.37
N GLY D 152 2.91 -59.82 -19.92
CA GLY D 152 2.08 -58.64 -20.06
C GLY D 152 0.96 -58.49 -19.06
N SER D 153 0.75 -59.46 -18.18
CA SER D 153 -0.32 -59.42 -17.19
C SER D 153 0.27 -59.02 -15.84
N GLU D 154 -0.32 -58.00 -15.21
CA GLU D 154 0.19 -57.57 -13.91
C GLU D 154 0.09 -58.71 -12.89
N ARG D 155 1.14 -58.85 -12.09
CA ARG D 155 1.26 -59.87 -11.07
C ARG D 155 1.44 -59.20 -9.72
N GLN D 156 0.51 -59.44 -8.78
CA GLN D 156 0.62 -58.85 -7.46
C GLN D 156 0.96 -59.85 -6.37
N ASN D 157 0.50 -61.08 -6.49
CA ASN D 157 0.77 -62.07 -5.47
C ASN D 157 2.22 -62.54 -5.51
N GLY D 158 2.73 -62.92 -4.34
CA GLY D 158 4.09 -63.43 -4.25
C GLY D 158 5.19 -62.38 -4.31
N VAL D 159 4.87 -61.10 -4.12
CA VAL D 159 5.84 -60.00 -4.20
C VAL D 159 6.26 -59.60 -2.79
N LEU D 160 7.56 -59.43 -2.56
CA LEU D 160 8.04 -58.97 -1.25
C LEU D 160 8.93 -57.76 -1.48
N ASN D 161 8.57 -56.62 -0.89
CA ASN D 161 9.31 -55.37 -1.04
C ASN D 161 10.07 -55.01 0.22
N SER D 162 11.22 -54.38 0.06
CA SER D 162 11.94 -53.82 1.20
C SER D 162 12.55 -52.49 0.79
N TRP D 163 12.65 -51.53 1.74
CA TRP D 163 13.07 -50.16 1.43
C TRP D 163 14.21 -49.74 2.36
N THR D 164 15.17 -48.98 1.85
CA THR D 164 16.15 -48.38 2.76
C THR D 164 15.68 -47.03 3.32
N ASP D 165 16.31 -46.59 4.41
CA ASP D 165 16.18 -45.21 4.88
C ASP D 165 16.87 -44.24 3.91
N GLN D 166 16.62 -42.94 4.11
CA GLN D 166 17.22 -41.93 3.23
C GLN D 166 18.73 -41.94 3.33
N ASP D 167 19.41 -41.98 2.20
CA ASP D 167 20.85 -42.11 2.21
C ASP D 167 21.48 -40.88 2.82
N SER D 168 22.43 -41.08 3.74
CA SER D 168 23.06 -39.97 4.44
C SER D 168 23.98 -39.13 3.56
N LYS D 169 24.43 -39.65 2.41
CA LYS D 169 25.40 -38.97 1.56
C LYS D 169 24.74 -38.28 0.37
N ASP D 170 23.86 -38.96 -0.33
CA ASP D 170 23.21 -38.36 -1.49
C ASP D 170 21.72 -38.13 -1.30
N SER D 171 21.16 -38.46 -0.13
CA SER D 171 19.77 -38.14 0.22
C SER D 171 18.75 -38.87 -0.64
N THR D 172 19.14 -39.95 -1.32
CA THR D 172 18.22 -40.75 -2.09
C THR D 172 17.67 -41.94 -1.28
N TYR D 173 16.71 -42.62 -1.89
CA TYR D 173 16.11 -43.84 -1.36
C TYR D 173 16.32 -44.98 -2.34
N SER D 174 16.32 -46.20 -1.82
CA SER D 174 16.42 -47.39 -2.68
C SER D 174 15.37 -48.41 -2.26
N MET D 175 15.02 -49.30 -3.19
CA MET D 175 14.10 -50.36 -2.80
C MET D 175 14.42 -51.63 -3.56
N SER D 176 14.09 -52.77 -2.94
CA SER D 176 14.21 -54.09 -3.54
C SER D 176 12.81 -54.68 -3.66
N SER D 177 12.52 -55.32 -4.79
CA SER D 177 11.24 -56.01 -4.99
C SER D 177 11.51 -57.41 -5.50
N THR D 178 10.92 -58.40 -4.86
CA THR D 178 11.20 -59.80 -5.17
C THR D 178 9.89 -60.51 -5.42
N LEU D 179 9.76 -61.05 -6.63
CA LEU D 179 8.64 -61.88 -7.04
C LEU D 179 9.09 -63.32 -6.90
N THR D 180 8.49 -64.04 -5.95
CA THR D 180 8.79 -65.47 -5.77
C THR D 180 7.70 -66.34 -6.37
N LEU D 181 8.10 -67.28 -7.22
CA LEU D 181 7.24 -68.25 -7.88
C LEU D 181 7.71 -69.65 -7.56
N THR D 182 6.89 -70.64 -7.91
CA THR D 182 7.42 -72.00 -8.04
C THR D 182 8.25 -72.11 -9.32
N LYS D 183 9.18 -73.07 -9.35
CA LYS D 183 9.94 -73.28 -10.58
C LYS D 183 9.01 -73.56 -11.75
N ASP D 184 8.01 -74.41 -11.54
CA ASP D 184 7.09 -74.79 -12.62
C ASP D 184 6.36 -73.57 -13.16
N GLU D 185 5.90 -72.67 -12.27
CA GLU D 185 5.25 -71.45 -12.73
C GLU D 185 6.21 -70.57 -13.52
N TYR D 186 7.43 -70.35 -13.00
CA TYR D 186 8.44 -69.58 -13.73
C TYR D 186 8.65 -70.11 -15.14
N GLU D 187 8.63 -71.43 -15.29
CA GLU D 187 8.95 -71.98 -16.61
C GLU D 187 7.75 -72.02 -17.54
N ARG D 188 6.54 -71.81 -17.04
CA ARG D 188 5.33 -71.70 -17.84
C ARG D 188 5.15 -70.33 -18.47
N HIS D 189 6.01 -69.35 -18.19
CA HIS D 189 5.89 -68.03 -18.80
C HIS D 189 7.21 -67.58 -19.39
N ASN D 190 7.14 -66.55 -20.25
CA ASN D 190 8.31 -66.17 -21.05
C ASN D 190 8.80 -64.75 -20.88
N SER D 191 7.94 -63.79 -20.59
CA SER D 191 8.32 -62.39 -20.46
C SER D 191 8.13 -61.93 -19.02
N TYR D 192 9.16 -61.28 -18.45
CA TYR D 192 9.13 -60.81 -17.06
C TYR D 192 9.55 -59.35 -17.02
N THR D 193 8.73 -58.50 -16.42
CA THR D 193 8.99 -57.07 -16.40
C THR D 193 8.84 -56.52 -14.99
N CYS D 194 9.82 -55.71 -14.59
CA CYS D 194 9.79 -54.89 -13.39
C CYS D 194 9.68 -53.43 -13.80
N GLU D 195 8.66 -52.73 -13.28
CA GLU D 195 8.41 -51.35 -13.72
C GLU D 195 8.31 -50.43 -12.50
N ALA D 196 9.03 -49.30 -12.56
CA ALA D 196 8.92 -48.22 -11.59
C ALA D 196 8.14 -47.06 -12.21
N THR D 197 7.25 -46.49 -11.39
CA THR D 197 6.49 -45.29 -11.80
C THR D 197 6.34 -44.39 -10.58
N HIS D 198 6.02 -43.10 -10.80
CA HIS D 198 5.72 -42.22 -9.66
C HIS D 198 4.40 -42.72 -9.04
N LYS D 199 4.08 -42.28 -7.80
CA LYS D 199 2.82 -42.71 -7.15
C LYS D 199 1.66 -42.31 -8.06
N THR D 200 1.78 -41.17 -8.74
CA THR D 200 0.79 -40.79 -9.76
C THR D 200 0.74 -41.74 -10.98
N SER D 201 1.60 -42.76 -11.05
CA SER D 201 1.66 -43.70 -12.18
C SER D 201 1.99 -43.00 -13.51
N THR D 202 2.97 -42.11 -13.42
CA THR D 202 3.47 -41.38 -14.60
C THR D 202 4.99 -41.50 -14.58
N SER D 203 5.66 -41.24 -15.71
CA SER D 203 7.14 -41.27 -15.77
C SER D 203 7.65 -42.68 -15.45
N PRO D 204 7.74 -43.59 -16.44
CA PRO D 204 8.14 -44.97 -16.16
C PRO D 204 9.57 -45.41 -16.46
N ILE D 205 10.15 -46.23 -15.58
CA ILE D 205 11.42 -46.89 -15.87
C ILE D 205 11.13 -48.38 -15.89
N VAL D 206 11.40 -49.02 -17.03
CA VAL D 206 11.00 -50.41 -17.27
C VAL D 206 12.26 -51.23 -17.56
N LYS D 207 12.38 -52.37 -16.88
CA LYS D 207 13.38 -53.39 -17.24
C LYS D 207 12.71 -54.73 -17.37
N SER D 208 13.15 -55.54 -18.34
CA SER D 208 12.53 -56.83 -18.49
C SER D 208 13.50 -57.79 -19.16
N PHE D 209 13.12 -59.07 -19.14
CA PHE D 209 13.90 -60.11 -19.78
C PHE D 209 12.97 -61.20 -20.29
N ASN D 210 13.46 -61.92 -21.30
CA ASN D 210 12.83 -63.12 -21.81
C ASN D 210 13.49 -64.31 -21.12
N ARG D 211 12.69 -65.23 -20.60
CA ARG D 211 13.21 -66.42 -19.93
C ARG D 211 13.94 -67.32 -20.94
N ASN D 212 15.24 -67.46 -20.77
CA ASN D 212 16.04 -68.39 -21.57
C ASN D 212 17.29 -68.70 -20.76
N GLU D 213 18.17 -69.52 -21.33
CA GLU D 213 19.41 -69.91 -20.68
C GLU D 213 20.55 -69.76 -21.66
N CYS D 214 21.64 -69.11 -21.22
CA CYS D 214 22.79 -68.81 -22.09
C CYS D 214 23.37 -70.06 -22.76
#